data_8QZM
#
_entry.id   8QZM
#
_cell.length_a   1.00
_cell.length_b   1.00
_cell.length_c   1.00
_cell.angle_alpha   90.00
_cell.angle_beta   90.00
_cell.angle_gamma   90.00
#
_symmetry.space_group_name_H-M   'P 1'
#
loop_
_entity.id
_entity.type
_entity.pdbx_description
1 polymer 'Histone H3 (Fragment)'
2 polymer 'Histone H4'
3 polymer 'Histone H2A type 1'
4 polymer 'Histone H2B type 1-C/E/F/G/I'
5 polymer 'DNA (145-MER)'
6 polymer 'DNA (145-MER)'
7 polymer 'DNA (cytosine-5)-methyltransferase 3A'
#
loop_
_entity_poly.entity_id
_entity_poly.type
_entity_poly.pdbx_seq_one_letter_code
_entity_poly.pdbx_strand_id
1 'polypeptide(L)'
;ARTKQTARKSTGGKAPRKQLATKAARKSAPATGGVKKPHRYRPGTVALREIRRYQKSTELLIRKLPFQRLVREIAQDFKT
DLRFQSSAVMALQEASEAYLVGLFEDTNLAAIHAKRVTIMPKDIQLARRIRGERA
;
A,E
2 'polypeptide(L)'
;SGRGKGGKGLGKGGAKRHRKVLRDNIQGITKPAIRRLARRGGVKRISGLIYEETRGVLKVFLENVIRDAVTYTEHAKRKT
VTAMDVVYALKRQGRTLYGFGG
;
B,F
3 'polypeptide(L)'
;SGRGKQGGKARAKAKTRSSRAGLQFPVGRVHRLLRKGNYAERVGAGAPVYLAAVLEYLTAEILELAGNAARDNKKTRIIP
RHLQLAIRNDEELNKLLGKVTIAQGGVLPNIQAVLLPKCTESHHKAKGK
;
C,G
4 'polypeptide(L)'
;PEPAKSAPAPKKGSKKAVTKAQKKDGKKRKRSRKESYSVYVYKVLKQVHPDTGISSKAMGIMNSFVNDIFERIAGEASRL
AHYNKRSTITSREIQTAVRLLLPGELAKHAVSEGTKAVTKYTSSK
;
D,H
5 'polydeoxyribonucleotide'
;(DG)(DG)(DT)(DG)(DG)(DG)(DC)(DG)(DC)(DG)(DC)(DG)(DA)(DA)(DC)(DT)(DG)(DG)(DG)(DG)
(DG)(DA)(DT)(DT)(DA)(DC)(DG)(DC)(DC)(DT)(DC)(DT)(DA)(DA)(DT)(DT)(DA)(DG)(DG)(DG)
(DC)(DG)(DT)(DA)(DT)(DG)(DG)(DT)(DG)(DA)(DC)(DA)(DG)(DG)(DA)(DT)(DG)(DT)(DA)(DT)
(DA)(DT)(DA)(DT)(DC)(DT)(DG)(DA)(DC)(DA)(DC)(DG)(DT)(DG)(DC)(DC)(DT)(DG)(DG)(DA)
(DG)(DA)(DC)(DT)(DA)(DG)(DG)(DG)(DA)(DG)(DT)(DA)(DA)(DT)(DC)(DC)(DC)(DC)(DT)(DT)
(DG)(DG)(DC)(DG)(DG)(DT)(DT)(DA)(DA)(DA)(DA)(DC)(DG)(DC)(DG)(DG)(DG)(DG)(DG)(DA)
(DC)(DA)(DG)(DC)(DG)(DC)(DG)(DT)(DA)(DC)(DG)(DT)(DG)(DC)(DG)(DT)(DT)(DT)(DA)(DA)
(DG)(DC)(DG)(DG)(DT)(DG)(DC)(DT)(DA)(DG)(DA)(DG)(DC)(DT)(DG)(DT)(DC)(DT)(DA)(DC)
(DG)(DA)(DC)(DC)(DA)(DA)(DT)(DT)(DG)(DA)(DG)(DC)(DG)(DG)(DC)(DC)(DT)(DC)(DG)(DG)
(DC)(DA)(DC)(DC)(DG)(DG)(DG)(DA)(DT)(DT)(DC)(DT)(DC)(DC)(DA)
;
I
6 'polydeoxyribonucleotide'
;(DT)(DG)(DG)(DA)(DG)(DA)(DA)(DT)(DC)(DC)(DC)(DG)(DG)(DT)(DG)(DC)(DC)(DG)(DA)(DG)
(DG)(DC)(DC)(DG)(DC)(DT)(DC)(DA)(DA)(DT)(DT)(DG)(DG)(DT)(DC)(DG)(DT)(DA)(DG)(DA)
(DC)(DA)(DG)(DC)(DT)(DC)(DT)(DA)(DG)(DC)(DA)(DC)(DC)(DG)(DC)(DT)(DT)(DA)(DA)(DA)
(DC)(DG)(DC)(DA)(DC)(DG)(DT)(DA)(DC)(DG)(DC)(DG)(DC)(DT)(DG)(DT)(DC)(DC)(DC)(DC)
(DC)(DG)(DC)(DG)(DT)(DT)(DT)(DT)(DA)(DA)(DC)(DC)(DG)(DC)(DC)(DA)(DA)(DG)(DG)(DG)
(DG)(DA)(DT)(DT)(DA)(DC)(DT)(DC)(DC)(DC)(DT)(DA)(DG)(DT)(DC)(DT)(DC)(DC)(DA)(DG)
(DG)(DC)(DA)(DC)(DG)(DT)(DG)(DT)(DC)(DA)(DG)(DA)(DT)(DA)(DT)(DA)(DT)(DA)(DC)(DA)
(DT)(DC)(DC)(DT)(DG)(DT)(DC)(DA)(DC)(DC)(DA)(DT)(DA)(DC)(DG)(DC)(DC)(DC)(DT)(DA)
(DA)(DT)(DT)(DA)(DG)(DA)(DG)(DG)(DC)(DG)(DT)(DA)(DA)(DT)(DC)(DC)(DC)(DC)(DC)(DA)
(DG)(DT)(DT)(DC)(DG)(DC)(DG)(DC)(DG)(DC)(DC)(DC)(DA)(DC)(DC)
;
J
7 'polypeptide(L)'
;SNAMPAMPSSGPGDTSSSAAEREEDRKDGEEQEEPRGKEERQEPSTTARKVGRPGRKRKHPPVESGDTPKDPAVISKSPS
MAQDSGASELLPNGDLEKRSEPQPEEGSPAGGQKGGAPAEGEGAAETLPEASRAVENGCCTPKEGRGAPAEAGKEQKETN
IESMKMEGSRGRLRGGLGWESSLRQRPMPRLTFQAGDPYYISKRKRDEWLARWKREAEKKAKVIAGMNAVEENQGPGESQ
KVEEASPPAVQQPTDPASPTVATTPEPVGSDAGDKNATKAGDDEPEYEDGRGFGIGELVWGKLRGFSWWPGRIVSWWMTG
RSRAAEGTRWVMWFGDGKFSVVCVEKLMPLSSFCSAFHQATYNKQPMYRKAIYEVLQVASSRAGKLFPVCHDSDESDTAK
AVEVQNKPMIEWALGGFQPSGPKGLEPPEEEKNPYKEVYTDMWVEPEAAAYAPPPPAKKPRKSTAEKPKVKEIIDERTRE
RLVYEVRQKCRNIEDICISCGSLNVTLEHPLFVGGMCQNCKNCFLECAYQYDDDGYQSYCTICCGGREVLMCGNNNCCRC
FCVECVDLLVGPGAAQAAIKEDPWNCYMCGHKGTYGLLRRREDWPSRLQMFFANNHDQEFDPPKVYPPVPAEKRKPIRVL
SLFDGIATGLLVLKDLGIQVDRYIASEVCEDSITVGMVRHQGKIMYVGDVRSVTQKHIQEWGPFDLVIGGSPCNDLSIVN
PARKGLYEGTGRLFFEFYRLLHDARPKEGDDRPFFWLFENVVAMGVSDKRDISRFLESNPVMIDAKEVSAAHRARYFWGN
LPGMNRPLASTVNDKLELQECLEHGRIAKFSKVRTITTRSNSIKQGKDQHFPVFMNEKEDILWCTEMERVFGFPVHYTDV
SNMSRLARQRLLGRSWSVPVIRHLFAPLKEYFACV
;
K
#
# COMPACT_ATOMS: atom_id res chain seq x y z
N PRO A 38 -20.90 25.90 45.20
CA PRO A 38 -19.89 25.35 44.28
C PRO A 38 -20.47 25.09 42.89
N HIS A 39 -19.61 25.05 41.87
CA HIS A 39 -20.03 24.84 40.50
C HIS A 39 -19.19 23.74 39.88
N ARG A 40 -19.85 22.71 39.34
CA ARG A 40 -19.18 21.59 38.72
C ARG A 40 -19.86 21.24 37.42
N TYR A 41 -19.08 21.02 36.37
CA TYR A 41 -19.61 20.65 35.08
C TYR A 41 -20.02 19.18 35.08
N ARG A 42 -21.21 18.89 34.58
CA ARG A 42 -21.67 17.51 34.51
C ARG A 42 -20.71 16.69 33.67
N PRO A 43 -20.34 15.49 34.11
CA PRO A 43 -19.29 14.74 33.40
C PRO A 43 -19.65 14.51 31.95
N GLY A 44 -18.66 14.70 31.08
CA GLY A 44 -18.87 14.57 29.65
C GLY A 44 -18.73 15.87 28.90
N THR A 45 -19.22 16.97 29.47
CA THR A 45 -19.22 18.24 28.75
C THR A 45 -17.82 18.79 28.58
N VAL A 46 -17.03 18.82 29.65
CA VAL A 46 -15.66 19.31 29.50
C VAL A 46 -14.81 18.26 28.81
N ALA A 47 -15.31 17.03 28.67
CA ALA A 47 -14.67 16.07 27.78
C ALA A 47 -14.93 16.41 26.32
N LEU A 48 -16.15 16.87 26.01
CA LEU A 48 -16.46 17.31 24.66
C LEU A 48 -15.68 18.57 24.30
N ARG A 49 -15.56 19.50 25.25
CA ARG A 49 -14.80 20.71 24.98
C ARG A 49 -13.34 20.41 24.72
N GLU A 50 -12.80 19.39 25.39
CA GLU A 50 -11.42 18.98 25.13
C GLU A 50 -11.27 18.45 23.72
N ILE A 51 -12.27 17.71 23.23
CA ILE A 51 -12.23 17.19 21.86
C ILE A 51 -12.14 18.34 20.87
N ARG A 52 -13.01 19.34 21.01
CA ARG A 52 -13.01 20.45 20.09
C ARG A 52 -11.74 21.28 20.19
N ARG A 53 -11.16 21.38 21.39
CA ARG A 53 -9.93 22.13 21.56
C ARG A 53 -8.77 21.48 20.79
N TYR A 54 -8.69 20.16 20.83
CA TYR A 54 -7.53 19.47 20.28
C TYR A 54 -7.71 19.03 18.83
N GLN A 55 -8.94 19.01 18.32
CA GLN A 55 -9.14 18.79 16.90
C GLN A 55 -8.95 20.07 16.08
N LYS A 56 -8.94 21.22 16.73
CA LYS A 56 -8.75 22.50 16.05
C LYS A 56 -7.29 22.86 15.91
N SER A 57 -6.44 22.45 16.84
CA SER A 57 -5.04 22.83 16.85
C SER A 57 -4.19 21.83 16.07
N THR A 58 -2.96 22.24 15.76
CA THR A 58 -2.01 21.40 15.06
C THR A 58 -0.78 21.06 15.90
N GLU A 59 -0.71 21.53 17.14
CA GLU A 59 0.46 21.34 17.97
C GLU A 59 0.63 19.87 18.35
N LEU A 60 1.85 19.52 18.73
CA LEU A 60 2.14 18.17 19.19
C LEU A 60 1.55 17.94 20.57
N LEU A 61 1.16 16.70 20.84
CA LEU A 61 0.52 16.37 22.10
C LEU A 61 1.41 15.57 23.06
N ILE A 62 2.56 15.10 22.60
CA ILE A 62 3.50 14.41 23.47
C ILE A 62 4.66 15.35 23.76
N ARG A 63 5.07 15.42 25.03
CA ARG A 63 6.16 16.28 25.42
C ARG A 63 7.43 15.85 24.69
N LYS A 64 8.23 16.84 24.27
CA LYS A 64 9.30 16.57 23.32
C LYS A 64 10.46 15.81 23.95
N LEU A 65 10.89 16.24 25.14
CA LEU A 65 12.06 15.61 25.76
C LEU A 65 11.83 14.15 26.12
N PRO A 66 10.74 13.75 26.80
CA PRO A 66 10.53 12.32 27.05
C PRO A 66 10.41 11.50 25.78
N PHE A 67 9.80 12.05 24.72
CA PHE A 67 9.72 11.29 23.48
C PHE A 67 11.10 11.13 22.84
N GLN A 68 11.93 12.16 22.89
CA GLN A 68 13.28 12.04 22.36
C GLN A 68 14.07 10.99 23.13
N ARG A 69 13.94 10.99 24.45
CA ARG A 69 14.62 9.98 25.26
C ARG A 69 14.12 8.58 24.93
N LEU A 70 12.80 8.44 24.73
CA LEU A 70 12.25 7.14 24.34
C LEU A 70 12.81 6.68 23.00
N VAL A 71 12.89 7.60 22.04
CA VAL A 71 13.40 7.25 20.72
C VAL A 71 14.86 6.81 20.81
N ARG A 72 15.67 7.53 21.58
CA ARG A 72 17.06 7.15 21.73
C ARG A 72 17.20 5.81 22.44
N GLU A 73 16.37 5.56 23.46
CA GLU A 73 16.43 4.29 24.16
C GLU A 73 16.06 3.13 23.24
N ILE A 74 15.05 3.33 22.39
CA ILE A 74 14.67 2.28 21.44
C ILE A 74 15.78 2.07 20.41
N ALA A 75 16.38 3.14 19.91
CA ALA A 75 17.41 3.03 18.89
C ALA A 75 18.70 2.46 19.44
N GLN A 76 18.91 2.50 20.75
CA GLN A 76 20.10 1.86 21.32
C GLN A 76 20.11 0.36 21.12
N ASP A 77 18.95 -0.24 20.87
CA ASP A 77 18.90 -1.69 20.67
C ASP A 77 19.53 -2.10 19.35
N PHE A 78 19.34 -1.29 18.30
CA PHE A 78 19.77 -1.66 16.96
C PHE A 78 21.20 -1.25 16.65
N LYS A 79 21.67 -0.14 17.21
CA LYS A 79 23.04 0.30 17.01
C LYS A 79 23.44 1.19 18.17
N THR A 80 24.66 1.02 18.65
CA THR A 80 25.15 1.79 19.78
C THR A 80 25.80 3.08 19.30
N ASP A 81 25.76 4.10 20.18
CA ASP A 81 26.36 5.39 19.91
C ASP A 81 25.80 6.04 18.65
N LEU A 82 24.49 5.92 18.46
CA LEU A 82 23.83 6.60 17.37
C LEU A 82 23.62 8.07 17.69
N ARG A 83 23.56 8.88 16.64
CA ARG A 83 23.26 10.30 16.76
C ARG A 83 22.03 10.60 15.93
N PHE A 84 21.16 11.46 16.45
CA PHE A 84 19.90 11.79 15.81
C PHE A 84 19.88 13.26 15.41
N GLN A 85 19.54 13.52 14.15
CA GLN A 85 19.22 14.88 13.76
C GLN A 85 17.93 15.30 14.43
N SER A 86 17.84 16.57 14.81
CA SER A 86 16.62 17.07 15.43
C SER A 86 15.42 16.87 14.53
N SER A 87 15.62 17.02 13.21
CA SER A 87 14.53 16.80 12.28
C SER A 87 14.09 15.34 12.28
N ALA A 88 15.02 14.42 12.51
CA ALA A 88 14.66 13.00 12.55
C ALA A 88 13.74 12.71 13.72
N VAL A 89 14.09 13.20 14.91
CA VAL A 89 13.23 13.01 16.08
C VAL A 89 11.90 13.71 15.87
N MET A 90 11.92 14.88 15.24
CA MET A 90 10.68 15.60 14.99
C MET A 90 9.76 14.80 14.08
N ALA A 91 10.32 14.24 13.00
CA ALA A 91 9.50 13.45 12.07
C ALA A 91 8.98 12.19 12.74
N LEU A 92 9.81 11.56 13.57
CA LEU A 92 9.35 10.38 14.29
C LEU A 92 8.17 10.73 15.19
N GLN A 93 8.25 11.87 15.89
CA GLN A 93 7.15 12.27 16.76
C GLN A 93 5.89 12.57 15.97
N GLU A 94 6.00 13.30 14.86
CA GLU A 94 4.83 13.62 14.06
C GLU A 94 4.16 12.35 13.56
N ALA A 95 4.95 11.42 13.01
CA ALA A 95 4.40 10.17 12.51
C ALA A 95 3.76 9.36 13.63
N SER A 96 4.42 9.30 14.79
CA SER A 96 3.90 8.50 15.90
C SER A 96 2.57 9.05 16.39
N GLU A 97 2.46 10.36 16.56
CA GLU A 97 1.20 10.88 17.07
C GLU A 97 0.11 10.84 16.03
N ALA A 98 0.45 11.00 14.74
CA ALA A 98 -0.55 10.81 13.71
C ALA A 98 -1.08 9.38 13.69
N TYR A 99 -0.19 8.41 13.83
CA TYR A 99 -0.60 7.01 13.88
C TYR A 99 -1.47 6.75 15.09
N LEU A 100 -1.10 7.31 16.25
CA LEU A 100 -1.89 7.10 17.46
C LEU A 100 -3.27 7.75 17.33
N VAL A 101 -3.34 8.92 16.71
CA VAL A 101 -4.64 9.58 16.52
C VAL A 101 -5.53 8.76 15.61
N GLY A 102 -4.97 8.25 14.51
CA GLY A 102 -5.76 7.38 13.64
C GLY A 102 -6.22 6.13 14.35
N LEU A 103 -5.34 5.51 15.13
CA LEU A 103 -5.72 4.34 15.91
C LEU A 103 -6.81 4.67 16.91
N PHE A 104 -6.78 5.86 17.49
CA PHE A 104 -7.79 6.24 18.46
C PHE A 104 -9.13 6.50 17.80
N GLU A 105 -9.14 7.06 16.59
CA GLU A 105 -10.40 7.15 15.85
C GLU A 105 -10.96 5.76 15.56
N ASP A 106 -10.10 4.84 15.14
CA ASP A 106 -10.57 3.49 14.84
C ASP A 106 -11.11 2.79 16.08
N THR A 107 -10.43 2.91 17.22
CA THR A 107 -10.93 2.24 18.42
C THR A 107 -12.16 2.93 18.98
N ASN A 108 -12.31 4.24 18.76
CA ASN A 108 -13.56 4.90 19.11
C ASN A 108 -14.72 4.36 18.29
N LEU A 109 -14.49 4.15 17.00
CA LEU A 109 -15.53 3.54 16.17
C LEU A 109 -15.85 2.13 16.64
N ALA A 110 -14.82 1.35 17.00
CA ALA A 110 -15.05 0.00 17.48
C ALA A 110 -15.84 0.00 18.77
N ALA A 111 -15.53 0.92 19.68
CA ALA A 111 -16.26 1.02 20.95
C ALA A 111 -17.71 1.43 20.71
N ILE A 112 -17.94 2.40 19.83
CA ILE A 112 -19.30 2.85 19.56
C ILE A 112 -20.12 1.75 18.91
N HIS A 113 -19.49 0.94 18.05
CA HIS A 113 -20.19 -0.17 17.42
C HIS A 113 -20.68 -1.18 18.46
N ALA A 114 -19.99 -1.29 19.59
CA ALA A 114 -20.41 -2.20 20.65
C ALA A 114 -21.44 -1.58 21.58
N LYS A 115 -22.01 -0.44 21.21
CA LYS A 115 -23.03 0.25 22.00
C LYS A 115 -22.49 0.70 23.36
N ARG A 116 -21.26 1.19 23.38
CA ARG A 116 -20.68 1.77 24.58
C ARG A 116 -19.83 2.97 24.19
N VAL A 117 -19.60 3.85 25.16
CA VAL A 117 -18.92 5.12 24.91
C VAL A 117 -17.44 5.00 25.26
N THR A 118 -17.14 4.39 26.41
CA THR A 118 -15.76 4.25 26.86
C THR A 118 -15.00 3.27 25.97
N ILE A 119 -13.76 3.61 25.65
CA ILE A 119 -12.91 2.75 24.84
C ILE A 119 -12.07 1.88 25.76
N MET A 120 -12.00 0.59 25.45
CA MET A 120 -11.31 -0.41 26.24
C MET A 120 -10.20 -1.03 25.41
N PRO A 121 -9.21 -1.67 26.04
CA PRO A 121 -8.12 -2.27 25.27
C PRO A 121 -8.58 -3.30 24.25
N LYS A 122 -9.69 -4.00 24.52
CA LYS A 122 -10.21 -4.94 23.52
C LYS A 122 -10.60 -4.22 22.23
N ASP A 123 -11.08 -2.98 22.34
CA ASP A 123 -11.40 -2.20 21.15
C ASP A 123 -10.14 -1.90 20.35
N ILE A 124 -9.04 -1.54 21.02
CA ILE A 124 -7.79 -1.30 20.33
C ILE A 124 -7.30 -2.56 19.64
N GLN A 125 -7.40 -3.70 20.35
CA GLN A 125 -6.96 -4.97 19.76
C GLN A 125 -7.80 -5.33 18.53
N LEU A 126 -9.12 -5.14 18.61
CA LEU A 126 -9.97 -5.41 17.46
C LEU A 126 -9.63 -4.49 16.30
N ALA A 127 -9.38 -3.21 16.57
CA ALA A 127 -9.02 -2.28 15.50
C ALA A 127 -7.72 -2.71 14.84
N ARG A 128 -6.71 -3.06 15.63
CA ARG A 128 -5.44 -3.50 15.07
C ARG A 128 -5.60 -4.77 14.24
N ARG A 129 -6.41 -5.71 14.74
CA ARG A 129 -6.61 -6.96 14.01
C ARG A 129 -7.30 -6.71 12.67
N ILE A 130 -8.34 -5.87 12.67
CA ILE A 130 -9.05 -5.59 11.42
C ILE A 130 -8.16 -4.79 10.47
N ARG A 131 -7.38 -3.85 11.00
CA ARG A 131 -6.44 -3.10 10.18
C ARG A 131 -5.38 -3.99 9.54
N GLY A 132 -5.17 -5.19 10.06
CA GLY A 132 -4.15 -6.07 9.55
C GLY A 132 -2.78 -5.91 10.16
N GLU A 133 -2.68 -5.31 11.34
CA GLU A 133 -1.41 -5.11 12.01
C GLU A 133 -1.06 -6.22 12.98
N ARG A 134 -1.88 -7.26 13.08
CA ARG A 134 -1.60 -8.38 13.97
C ARG A 134 -2.29 -9.65 13.48
N LEU B 22 19.89 4.38 28.70
CA LEU B 22 18.54 4.86 28.99
C LEU B 22 17.66 3.72 29.47
N ARG B 23 16.63 4.05 30.25
CA ARG B 23 15.80 3.03 30.87
C ARG B 23 14.41 3.60 31.16
N ASP B 24 13.40 2.73 31.05
CA ASP B 24 12.03 3.02 31.51
C ASP B 24 11.50 4.35 30.99
N ASN B 25 11.99 4.77 29.83
CA ASN B 25 11.57 6.04 29.25
C ASN B 25 10.19 5.96 28.60
N ILE B 26 9.61 4.77 28.49
CA ILE B 26 8.24 4.66 27.96
C ILE B 26 7.25 5.30 28.92
N GLN B 27 7.60 5.40 30.21
CA GLN B 27 6.75 6.10 31.17
C GLN B 27 6.69 7.60 30.89
N GLY B 28 7.63 8.13 30.11
CA GLY B 28 7.54 9.51 29.68
C GLY B 28 6.36 9.80 28.78
N ILE B 29 5.72 8.76 28.24
CA ILE B 29 4.45 8.93 27.51
C ILE B 29 3.37 8.88 28.58
N THR B 30 3.11 10.04 29.18
CA THR B 30 2.30 10.12 30.38
C THR B 30 0.84 9.80 30.07
N LYS B 31 0.08 9.59 31.14
CA LYS B 31 -1.37 9.42 31.00
C LYS B 31 -2.04 10.65 30.40
N PRO B 32 -1.73 11.89 30.81
CA PRO B 32 -2.34 13.05 30.12
C PRO B 32 -2.04 13.12 28.64
N ALA B 33 -0.85 12.71 28.20
CA ALA B 33 -0.52 12.78 26.78
C ALA B 33 -1.37 11.80 25.97
N ILE B 34 -1.53 10.58 26.48
CA ILE B 34 -2.40 9.61 25.83
C ILE B 34 -3.84 10.11 25.83
N ARG B 35 -4.25 10.75 26.94
CA ARG B 35 -5.60 11.29 27.02
C ARG B 35 -5.83 12.38 25.98
N ARG B 36 -4.85 13.26 25.78
CA ARG B 36 -4.97 14.32 24.78
C ARG B 36 -4.97 13.74 23.37
N LEU B 37 -4.15 12.73 23.11
CA LEU B 37 -4.17 12.08 21.79
C LEU B 37 -5.53 11.43 21.55
N ALA B 38 -6.13 10.86 22.59
CA ALA B 38 -7.48 10.31 22.44
C ALA B 38 -8.50 11.41 22.20
N ARG B 39 -8.34 12.56 22.86
CA ARG B 39 -9.26 13.67 22.64
C ARG B 39 -9.19 14.16 21.20
N ARG B 40 -7.98 14.27 20.65
CA ARG B 40 -7.86 14.64 19.24
C ARG B 40 -8.52 13.61 18.33
N GLY B 41 -8.49 12.35 18.73
CA GLY B 41 -9.12 11.31 17.94
C GLY B 41 -10.63 11.25 18.05
N GLY B 42 -11.22 12.09 18.90
CA GLY B 42 -12.66 12.12 19.06
C GLY B 42 -13.21 11.25 20.17
N VAL B 43 -12.37 10.78 21.08
CA VAL B 43 -12.79 9.88 22.14
C VAL B 43 -13.31 10.70 23.32
N LYS B 44 -14.50 10.36 23.80
CA LYS B 44 -15.14 11.10 24.88
C LYS B 44 -14.89 10.50 26.26
N ARG B 45 -14.71 9.19 26.34
CA ARG B 45 -14.53 8.49 27.61
C ARG B 45 -13.47 7.42 27.43
N ILE B 46 -12.58 7.28 28.42
CA ILE B 46 -11.40 6.43 28.31
C ILE B 46 -11.34 5.49 29.50
N SER B 47 -11.05 4.22 29.23
CA SER B 47 -10.85 3.24 30.29
C SER B 47 -9.43 3.31 30.82
N GLY B 48 -9.21 2.72 31.99
CA GLY B 48 -7.94 2.83 32.68
C GLY B 48 -6.80 2.05 32.07
N LEU B 49 -7.11 1.00 31.31
CA LEU B 49 -6.08 0.15 30.71
C LEU B 49 -5.62 0.66 29.35
N ILE B 50 -6.32 1.65 28.80
CA ILE B 50 -5.96 2.21 27.50
C ILE B 50 -4.57 2.80 27.53
N TYR B 51 -4.15 3.31 28.68
CA TYR B 51 -2.82 3.91 28.77
C TYR B 51 -1.72 2.88 28.55
N GLU B 52 -1.79 1.75 29.26
CA GLU B 52 -0.80 0.71 29.06
C GLU B 52 -0.88 0.11 27.66
N GLU B 53 -2.10 -0.08 27.15
CA GLU B 53 -2.24 -0.63 25.81
C GLU B 53 -1.58 0.29 24.78
N THR B 54 -1.80 1.60 24.91
CA THR B 54 -1.22 2.56 23.98
C THR B 54 0.30 2.64 24.15
N ARG B 55 0.79 2.50 25.38
CA ARG B 55 2.23 2.42 25.59
C ARG B 55 2.82 1.28 24.77
N GLY B 56 2.20 0.10 24.85
CA GLY B 56 2.69 -1.04 24.10
C GLY B 56 2.63 -0.82 22.60
N VAL B 57 1.50 -0.30 22.12
CA VAL B 57 1.33 -0.08 20.68
C VAL B 57 2.36 0.92 20.16
N LEU B 58 2.56 2.02 20.89
CA LEU B 58 3.52 3.02 20.46
C LEU B 58 4.93 2.45 20.48
N LYS B 59 5.27 1.64 21.48
CA LYS B 59 6.59 1.02 21.51
C LYS B 59 6.79 0.14 20.29
N VAL B 60 5.79 -0.66 19.92
CA VAL B 60 5.92 -1.53 18.75
C VAL B 60 6.12 -0.71 17.48
N PHE B 61 5.30 0.34 17.32
CA PHE B 61 5.40 1.16 16.11
C PHE B 61 6.75 1.84 16.01
N LEU B 62 7.23 2.40 17.12
CA LEU B 62 8.51 3.08 17.11
C LEU B 62 9.64 2.10 16.83
N GLU B 63 9.59 0.91 17.42
CA GLU B 63 10.60 -0.10 17.12
C GLU B 63 10.64 -0.43 15.64
N ASN B 64 9.46 -0.64 15.05
CA ASN B 64 9.42 -0.99 13.63
C ASN B 64 9.99 0.12 12.75
N VAL B 65 9.64 1.37 13.05
CA VAL B 65 10.12 2.47 12.21
C VAL B 65 11.61 2.70 12.41
N ILE B 66 12.07 2.71 13.66
CA ILE B 66 13.47 3.00 13.93
C ILE B 66 14.37 1.89 13.42
N ARG B 67 13.87 0.65 13.37
CA ARG B 67 14.69 -0.42 12.79
C ARG B 67 15.06 -0.10 11.35
N ASP B 68 14.09 0.31 10.54
CA ASP B 68 14.37 0.63 9.15
C ASP B 68 15.19 1.92 9.03
N ALA B 69 14.93 2.90 9.89
CA ALA B 69 15.73 4.12 9.84
C ALA B 69 17.20 3.81 10.13
N VAL B 70 17.46 2.98 11.13
CA VAL B 70 18.83 2.59 11.45
C VAL B 70 19.43 1.75 10.33
N THR B 71 18.62 0.90 9.68
CA THR B 71 19.14 0.13 8.54
C THR B 71 19.61 1.07 7.43
N TYR B 72 18.79 2.08 7.12
CA TYR B 72 19.18 3.05 6.09
C TYR B 72 20.45 3.79 6.49
N THR B 73 20.52 4.23 7.75
CA THR B 73 21.68 5.01 8.17
C THR B 73 22.94 4.16 8.28
N GLU B 74 22.79 2.85 8.47
CA GLU B 74 23.93 1.96 8.48
C GLU B 74 24.41 1.66 7.06
N HIS B 75 23.47 1.50 6.13
CA HIS B 75 23.86 1.29 4.74
C HIS B 75 24.57 2.52 4.18
N ALA B 76 24.10 3.70 4.55
CA ALA B 76 24.76 4.93 4.11
C ALA B 76 26.11 5.15 4.77
N LYS B 77 26.47 4.33 5.76
CA LYS B 77 27.75 4.41 6.47
C LYS B 77 27.92 5.76 7.16
N ARG B 78 26.93 6.12 7.98
CA ARG B 78 27.04 7.29 8.84
C ARG B 78 26.36 7.00 10.16
N LYS B 79 26.82 7.67 11.21
CA LYS B 79 26.32 7.47 12.56
C LYS B 79 25.16 8.39 12.91
N THR B 80 24.82 9.35 12.04
CA THR B 80 23.76 10.32 12.30
C THR B 80 22.51 9.93 11.55
N VAL B 81 21.44 9.63 12.27
CA VAL B 81 20.16 9.30 11.65
C VAL B 81 19.52 10.60 11.18
N THR B 82 19.52 10.82 9.87
CA THR B 82 19.00 12.05 9.31
C THR B 82 17.49 11.98 9.16
N ALA B 83 16.90 13.12 8.81
CA ALA B 83 15.45 13.17 8.59
C ALA B 83 15.04 12.32 7.40
N MET B 84 15.87 12.31 6.35
CA MET B 84 15.52 11.55 5.15
C MET B 84 15.46 10.06 5.42
N ASP B 85 16.30 9.55 6.32
CA ASP B 85 16.23 8.14 6.68
C ASP B 85 14.88 7.81 7.31
N VAL B 86 14.40 8.67 8.20
CA VAL B 86 13.10 8.44 8.82
C VAL B 86 11.99 8.57 7.79
N VAL B 87 12.11 9.52 6.88
CA VAL B 87 11.09 9.69 5.85
C VAL B 87 11.01 8.46 4.95
N TYR B 88 12.17 7.93 4.54
CA TYR B 88 12.20 6.74 3.72
C TYR B 88 11.66 5.53 4.48
N ALA B 89 11.99 5.43 5.77
CA ALA B 89 11.47 4.32 6.58
C ALA B 89 9.96 4.38 6.68
N LEU B 90 9.40 5.57 6.89
CA LEU B 90 7.96 5.71 6.99
C LEU B 90 7.28 5.44 5.65
N LYS B 91 7.89 5.92 4.56
CA LYS B 91 7.27 5.77 3.25
C LYS B 91 7.11 4.32 2.84
N ARG B 92 8.13 3.49 3.11
CA ARG B 92 8.09 2.10 2.67
C ARG B 92 7.10 1.27 3.48
N GLN B 93 6.61 1.79 4.60
CA GLN B 93 5.63 1.06 5.41
C GLN B 93 4.21 1.50 5.13
N GLY B 94 3.98 2.32 4.12
CA GLY B 94 2.65 2.81 3.83
C GLY B 94 2.22 3.96 4.72
N ARG B 95 3.17 4.72 5.26
CA ARG B 95 2.89 5.85 6.13
C ARG B 95 3.63 7.09 5.63
N THR B 96 3.47 7.39 4.35
CA THR B 96 4.16 8.50 3.72
C THR B 96 3.95 9.79 4.49
N LEU B 97 5.04 10.52 4.72
CA LEU B 97 5.02 11.71 5.54
C LEU B 97 5.53 12.89 4.74
N TYR B 98 4.76 13.99 4.73
CA TYR B 98 5.12 15.20 4.01
C TYR B 98 5.62 16.25 4.99
N GLY B 99 6.70 16.94 4.61
CA GLY B 99 7.16 18.05 5.41
C GLY B 99 8.66 18.11 5.60
N PHE B 100 9.32 16.95 5.60
CA PHE B 100 10.76 16.88 5.83
C PHE B 100 11.55 16.39 4.63
N GLY B 101 10.90 15.85 3.60
CA GLY B 101 11.59 15.36 2.43
C GLY B 101 10.72 14.49 1.55
N ALA C 10 43.73 -22.10 -26.31
CA ALA C 10 42.31 -22.42 -26.42
C ALA C 10 41.55 -22.01 -25.16
N ARG C 11 40.25 -21.76 -25.31
CA ARG C 11 39.44 -21.34 -24.19
C ARG C 11 39.27 -22.48 -23.19
N ALA C 12 39.18 -22.13 -21.92
CA ALA C 12 38.98 -23.13 -20.87
C ALA C 12 37.55 -23.64 -20.90
N LYS C 13 37.32 -24.72 -20.15
CA LYS C 13 35.98 -25.29 -20.06
C LYS C 13 35.03 -24.31 -19.37
N ALA C 14 33.84 -24.15 -19.93
CA ALA C 14 32.87 -23.23 -19.37
C ALA C 14 32.33 -23.74 -18.05
N LYS C 15 32.33 -22.89 -17.04
CA LYS C 15 31.79 -23.21 -15.72
C LYS C 15 30.78 -22.15 -15.35
N THR C 16 29.52 -22.56 -15.19
CA THR C 16 28.46 -21.59 -14.92
C THR C 16 28.72 -20.85 -13.63
N ARG C 17 28.37 -19.56 -13.61
CA ARG C 17 28.55 -18.77 -12.39
C ARG C 17 27.70 -19.31 -11.25
N SER C 18 26.58 -19.96 -11.57
CA SER C 18 25.78 -20.61 -10.54
C SER C 18 26.56 -21.77 -9.92
N SER C 19 27.32 -22.49 -10.73
CA SER C 19 28.14 -23.59 -10.19
C SER C 19 29.28 -23.06 -9.33
N ARG C 20 29.84 -21.91 -9.70
CA ARG C 20 30.91 -21.32 -8.90
C ARG C 20 30.41 -20.95 -7.50
N ALA C 21 29.22 -20.37 -7.42
CA ALA C 21 28.67 -19.93 -6.14
C ALA C 21 28.07 -21.06 -5.33
N GLY C 22 27.95 -22.26 -5.90
CA GLY C 22 27.33 -23.36 -5.19
C GLY C 22 25.83 -23.31 -5.13
N LEU C 23 25.19 -22.43 -5.89
CA LEU C 23 23.74 -22.29 -5.89
C LEU C 23 23.11 -23.19 -6.94
N GLN C 24 21.78 -23.30 -6.85
CA GLN C 24 21.00 -23.96 -7.87
C GLN C 24 20.23 -22.99 -8.76
N PHE C 25 20.21 -21.71 -8.41
CA PHE C 25 19.47 -20.72 -9.16
C PHE C 25 20.33 -20.08 -10.24
N PRO C 26 19.71 -19.53 -11.28
CA PRO C 26 20.48 -19.05 -12.44
C PRO C 26 21.14 -17.70 -12.22
N VAL C 27 22.37 -17.70 -11.72
CA VAL C 27 23.08 -16.45 -11.48
C VAL C 27 23.18 -15.63 -12.77
N GLY C 28 23.43 -16.30 -13.90
CA GLY C 28 23.51 -15.57 -15.16
C GLY C 28 22.19 -14.94 -15.56
N ARG C 29 21.10 -15.70 -15.44
CA ARG C 29 19.78 -15.16 -15.77
C ARG C 29 19.39 -14.03 -14.82
N VAL C 30 19.71 -14.17 -13.54
CA VAL C 30 19.41 -13.10 -12.58
C VAL C 30 20.22 -11.86 -12.90
N HIS C 31 21.48 -12.04 -13.30
CA HIS C 31 22.29 -10.90 -13.70
C HIS C 31 21.70 -10.20 -14.92
N ARG C 32 21.23 -10.98 -15.90
CA ARG C 32 20.60 -10.38 -17.08
C ARG C 32 19.34 -9.63 -16.69
N LEU C 33 18.51 -10.23 -15.83
CA LEU C 33 17.26 -9.59 -15.43
C LEU C 33 17.51 -8.30 -14.67
N LEU C 34 18.50 -8.29 -13.77
CA LEU C 34 18.87 -7.06 -13.10
C LEU C 34 19.39 -6.02 -14.08
N ARG C 35 20.20 -6.45 -15.04
CA ARG C 35 20.83 -5.51 -15.96
C ARG C 35 19.83 -4.94 -16.95
N LYS C 36 18.91 -5.78 -17.44
CA LYS C 36 17.95 -5.34 -18.45
C LYS C 36 16.67 -4.75 -17.85
N GLY C 37 16.42 -4.96 -16.57
CA GLY C 37 15.20 -4.48 -15.95
C GLY C 37 15.17 -3.01 -15.62
N ASN C 38 16.22 -2.27 -15.95
CA ASN C 38 16.31 -0.83 -15.71
C ASN C 38 16.20 -0.52 -14.22
N TYR C 39 17.04 -1.17 -13.42
CA TYR C 39 17.09 -0.88 -11.99
C TYR C 39 18.20 0.10 -11.63
N ALA C 40 19.28 0.12 -12.39
CA ALA C 40 20.38 1.05 -12.17
C ALA C 40 21.18 1.15 -13.46
N GLU C 41 22.07 2.14 -13.50
CA GLU C 41 22.91 2.30 -14.69
C GLU C 41 23.80 1.09 -14.90
N ARG C 42 24.37 0.55 -13.82
CA ARG C 42 25.21 -0.63 -13.91
C ARG C 42 24.90 -1.55 -12.73
N VAL C 43 25.22 -2.83 -12.91
CA VAL C 43 24.97 -3.85 -11.90
C VAL C 43 26.29 -4.51 -11.55
N GLY C 44 26.59 -4.57 -10.26
CA GLY C 44 27.86 -5.14 -9.83
C GLY C 44 27.91 -6.64 -10.03
N ALA C 45 29.13 -7.17 -9.97
CA ALA C 45 29.33 -8.60 -10.22
C ALA C 45 28.71 -9.45 -9.12
N GLY C 46 28.79 -8.99 -7.86
CA GLY C 46 28.31 -9.78 -6.75
C GLY C 46 26.82 -9.68 -6.47
N ALA C 47 26.12 -8.75 -7.11
CA ALA C 47 24.68 -8.62 -6.88
C ALA C 47 23.89 -9.83 -7.35
N PRO C 48 24.08 -10.36 -8.57
CA PRO C 48 23.30 -11.55 -8.96
C PRO C 48 23.53 -12.73 -8.05
N VAL C 49 24.75 -12.93 -7.56
CA VAL C 49 25.03 -14.06 -6.68
C VAL C 49 24.22 -13.94 -5.39
N TYR C 50 24.24 -12.75 -4.79
CA TYR C 50 23.50 -12.53 -3.55
C TYR C 50 22.00 -12.72 -3.76
N LEU C 51 21.48 -12.14 -4.85
CA LEU C 51 20.05 -12.24 -5.10
C LEU C 51 19.62 -13.68 -5.38
N ALA C 52 20.42 -14.42 -6.15
CA ALA C 52 20.12 -15.82 -6.41
C ALA C 52 20.16 -16.64 -5.13
N ALA C 53 21.15 -16.38 -4.26
CA ALA C 53 21.23 -17.10 -3.00
C ALA C 53 20.01 -16.83 -2.14
N VAL C 54 19.58 -15.57 -2.05
CA VAL C 54 18.41 -15.23 -1.24
C VAL C 54 17.16 -15.91 -1.80
N LEU C 55 16.99 -15.85 -3.12
CA LEU C 55 15.81 -16.46 -3.73
C LEU C 55 15.81 -17.97 -3.52
N GLU C 56 16.95 -18.62 -3.68
CA GLU C 56 17.03 -20.06 -3.46
C GLU C 56 16.73 -20.41 -2.01
N TYR C 57 17.23 -19.61 -1.07
CA TYR C 57 16.96 -19.88 0.34
C TYR C 57 15.47 -19.78 0.64
N LEU C 58 14.82 -18.71 0.18
CA LEU C 58 13.40 -18.55 0.45
C LEU C 58 12.58 -19.66 -0.20
N THR C 59 12.93 -20.02 -1.43
CA THR C 59 12.25 -21.12 -2.11
C THR C 59 12.44 -22.43 -1.36
N ALA C 60 13.65 -22.68 -0.85
CA ALA C 60 13.90 -23.90 -0.08
C ALA C 60 13.05 -23.93 1.18
N GLU C 61 12.95 -22.80 1.89
CA GLU C 61 12.09 -22.75 3.07
C GLU C 61 10.64 -23.07 2.71
N ILE C 62 10.11 -22.42 1.69
CA ILE C 62 8.71 -22.61 1.35
C ILE C 62 8.46 -24.05 0.91
N LEU C 63 9.37 -24.60 0.11
CA LEU C 63 9.20 -25.97 -0.37
C LEU C 63 9.32 -26.97 0.78
N GLU C 64 10.21 -26.72 1.73
CA GLU C 64 10.33 -27.62 2.87
C GLU C 64 9.05 -27.65 3.68
N LEU C 65 8.51 -26.48 3.99
CA LEU C 65 7.27 -26.44 4.77
C LEU C 65 6.11 -27.05 3.98
N ALA C 66 6.05 -26.78 2.67
CA ALA C 66 4.99 -27.36 1.84
C ALA C 66 5.11 -28.87 1.78
N GLY C 67 6.33 -29.39 1.69
CA GLY C 67 6.51 -30.83 1.68
C GLY C 67 6.10 -31.47 3.00
N ASN C 68 6.41 -30.81 4.11
CA ASN C 68 5.95 -31.32 5.40
C ASN C 68 4.42 -31.34 5.45
N ALA C 69 3.79 -30.28 4.96
CA ALA C 69 2.32 -30.24 4.95
C ALA C 69 1.75 -31.34 4.06
N ALA C 70 2.37 -31.57 2.91
CA ALA C 70 1.90 -32.62 2.00
C ALA C 70 2.05 -34.00 2.63
N ARG C 71 3.16 -34.24 3.32
CA ARG C 71 3.34 -35.50 4.02
C ARG C 71 2.28 -35.67 5.12
N ASP C 72 1.95 -34.58 5.81
CA ASP C 72 0.86 -34.64 6.78
C ASP C 72 -0.46 -35.02 6.12
N ASN C 73 -0.65 -34.65 4.86
CA ASN C 73 -1.85 -34.99 4.12
C ASN C 73 -1.74 -36.33 3.38
N LYS C 74 -0.65 -37.08 3.61
CA LYS C 74 -0.42 -38.38 2.96
C LYS C 74 -0.44 -38.24 1.44
N LYS C 75 0.22 -37.22 0.92
CA LYS C 75 0.30 -36.98 -0.52
C LYS C 75 1.75 -36.78 -0.92
N THR C 76 2.06 -37.15 -2.17
CA THR C 76 3.40 -37.05 -2.70
C THR C 76 3.65 -35.78 -3.51
N ARG C 77 2.61 -35.19 -4.09
CA ARG C 77 2.73 -34.01 -4.92
C ARG C 77 2.27 -32.79 -4.14
N ILE C 78 3.03 -31.71 -4.21
CA ILE C 78 2.65 -30.45 -3.57
C ILE C 78 1.61 -29.75 -4.43
N ILE C 79 0.49 -29.38 -3.80
CA ILE C 79 -0.59 -28.67 -4.48
C ILE C 79 -0.75 -27.31 -3.81
N PRO C 80 -1.41 -26.36 -4.47
CA PRO C 80 -1.51 -25.01 -3.91
C PRO C 80 -2.08 -24.96 -2.50
N ARG C 81 -2.95 -25.91 -2.14
CA ARG C 81 -3.45 -25.96 -0.78
C ARG C 81 -2.32 -26.15 0.22
N HIS C 82 -1.35 -27.01 -0.13
CA HIS C 82 -0.20 -27.23 0.75
C HIS C 82 0.65 -25.97 0.88
N LEU C 83 0.83 -25.24 -0.23
CA LEU C 83 1.58 -23.99 -0.17
C LEU C 83 0.88 -22.97 0.71
N GLN C 84 -0.45 -22.87 0.60
CA GLN C 84 -1.19 -21.94 1.45
C GLN C 84 -1.07 -22.33 2.92
N LEU C 85 -1.20 -23.63 3.22
CA LEU C 85 -1.07 -24.08 4.61
C LEU C 85 0.31 -23.76 5.15
N ALA C 86 1.35 -24.05 4.38
CA ALA C 86 2.72 -23.79 4.84
C ALA C 86 2.95 -22.30 5.05
N ILE C 87 2.48 -21.47 4.13
CA ILE C 87 2.76 -20.04 4.23
C ILE C 87 2.01 -19.41 5.40
N ARG C 88 0.73 -19.76 5.57
CA ARG C 88 -0.05 -19.14 6.63
C ARG C 88 0.27 -19.69 8.02
N ASN C 89 0.61 -20.98 8.12
CA ASN C 89 0.95 -21.53 9.43
C ASN C 89 2.21 -20.88 9.99
N ASP C 90 3.22 -20.67 9.14
CA ASP C 90 4.47 -20.06 9.59
C ASP C 90 4.27 -18.58 9.84
N GLU C 91 4.81 -18.10 10.97
CA GLU C 91 4.57 -16.72 11.37
C GLU C 91 5.37 -15.72 10.55
N GLU C 92 6.53 -16.11 10.03
CA GLU C 92 7.37 -15.19 9.28
C GLU C 92 6.93 -15.08 7.83
N LEU C 93 6.63 -16.21 7.19
CA LEU C 93 6.16 -16.18 5.81
C LEU C 93 4.80 -15.50 5.71
N ASN C 94 3.92 -15.74 6.68
CA ASN C 94 2.61 -15.09 6.68
C ASN C 94 2.76 -13.57 6.74
N LYS C 95 3.77 -13.08 7.45
CA LYS C 95 4.02 -11.64 7.47
C LYS C 95 4.67 -11.18 6.18
N LEU C 96 5.55 -12.00 5.60
CA LEU C 96 6.17 -11.63 4.33
C LEU C 96 5.16 -11.65 3.20
N LEU C 97 4.21 -12.58 3.24
CA LEU C 97 3.19 -12.73 2.21
C LEU C 97 1.80 -12.47 2.79
N GLY C 98 1.67 -11.40 3.58
CA GLY C 98 0.38 -11.07 4.15
C GLY C 98 -0.63 -10.61 3.11
N LYS C 99 -0.17 -9.79 2.16
CA LYS C 99 -1.03 -9.22 1.13
C LYS C 99 -0.96 -10.00 -0.18
N VAL C 100 -0.81 -11.32 -0.11
CA VAL C 100 -0.66 -12.18 -1.28
C VAL C 100 -1.78 -13.21 -1.26
N THR C 101 -2.44 -13.36 -2.41
CA THR C 101 -3.51 -14.34 -2.57
C THR C 101 -3.00 -15.50 -3.41
N ILE C 102 -3.19 -16.72 -2.91
CA ILE C 102 -2.77 -17.92 -3.59
C ILE C 102 -4.00 -18.60 -4.15
N ALA C 103 -4.06 -18.71 -5.48
CA ALA C 103 -5.21 -19.33 -6.11
C ALA C 103 -5.32 -20.79 -5.72
N GLN C 104 -6.54 -21.25 -5.52
CA GLN C 104 -6.84 -22.62 -5.10
C GLN C 104 -6.23 -22.96 -3.75
N GLY C 105 -5.85 -21.96 -2.96
CA GLY C 105 -5.22 -22.21 -1.68
C GLY C 105 -6.18 -22.39 -0.52
N GLY C 106 -7.41 -21.91 -0.65
CA GLY C 106 -8.33 -22.02 0.46
C GLY C 106 -7.92 -21.11 1.61
N VAL C 107 -8.48 -21.41 2.79
CA VAL C 107 -8.18 -20.68 4.02
C VAL C 107 -7.82 -21.67 5.11
N LEU C 108 -7.08 -21.18 6.10
CA LEU C 108 -6.76 -22.03 7.25
C LEU C 108 -8.03 -22.36 8.04
N PRO C 109 -8.19 -23.61 8.44
CA PRO C 109 -9.37 -23.97 9.23
C PRO C 109 -9.31 -23.43 10.64
N ASN C 110 -10.08 -22.39 10.93
CA ASN C 110 -10.21 -21.89 12.29
C ASN C 110 -11.65 -21.48 12.54
N ILE C 111 -12.07 -21.59 13.79
CA ILE C 111 -13.41 -21.20 14.23
C ILE C 111 -13.28 -20.43 15.53
N GLN C 112 -13.93 -19.28 15.61
CA GLN C 112 -13.86 -18.47 16.83
C GLN C 112 -14.43 -19.24 18.00
N ALA C 113 -13.71 -19.21 19.13
CA ALA C 113 -14.09 -20.01 20.28
C ALA C 113 -15.45 -19.62 20.84
N VAL C 114 -15.93 -18.42 20.56
CA VAL C 114 -17.23 -17.99 21.05
C VAL C 114 -18.34 -18.80 20.42
N LEU C 115 -18.20 -19.17 19.15
CA LEU C 115 -19.27 -19.81 18.40
C LEU C 115 -19.39 -21.31 18.66
N LEU C 116 -18.38 -21.93 19.29
CA LEU C 116 -18.45 -23.36 19.56
C LEU C 116 -19.54 -23.64 20.60
N PRO C 117 -20.22 -24.78 20.47
CA PRO C 117 -21.35 -25.06 21.38
C PRO C 117 -20.87 -25.35 22.80
N LYS C 118 -21.78 -25.14 23.74
CA LYS C 118 -21.48 -25.38 25.15
C LYS C 118 -21.46 -26.87 25.46
N ARG D 31 8.60 -18.47 -34.24
CA ARG D 31 8.22 -19.02 -32.94
C ARG D 31 9.03 -18.37 -31.83
N SER D 32 8.48 -18.36 -30.62
CA SER D 32 9.14 -17.73 -29.48
C SER D 32 9.04 -18.66 -28.26
N ARG D 33 10.01 -18.51 -27.36
CA ARG D 33 10.09 -19.30 -26.15
C ARG D 33 9.89 -18.40 -24.93
N LYS D 34 9.39 -19.00 -23.85
CA LYS D 34 9.17 -18.28 -22.60
C LYS D 34 9.97 -18.94 -21.49
N GLU D 35 10.55 -18.12 -20.63
CA GLU D 35 11.43 -18.59 -19.57
C GLU D 35 10.70 -18.61 -18.23
N SER D 36 11.18 -19.48 -17.34
CA SER D 36 10.58 -19.64 -16.02
C SER D 36 11.59 -20.30 -15.10
N TYR D 37 11.24 -20.38 -13.83
CA TYR D 37 12.10 -20.95 -12.80
C TYR D 37 11.72 -22.39 -12.45
N SER D 38 11.03 -23.09 -13.36
CA SER D 38 10.53 -24.42 -13.04
C SER D 38 11.67 -25.39 -12.75
N VAL D 39 12.73 -25.36 -13.57
CA VAL D 39 13.82 -26.31 -13.38
C VAL D 39 14.52 -26.08 -12.05
N TYR D 40 14.76 -24.81 -11.69
CA TYR D 40 15.49 -24.52 -10.46
C TYR D 40 14.64 -24.82 -9.23
N VAL D 41 13.35 -24.51 -9.29
CA VAL D 41 12.47 -24.85 -8.18
C VAL D 41 12.40 -26.35 -8.00
N TYR D 42 12.35 -27.10 -9.10
CA TYR D 42 12.34 -28.56 -9.00
C TYR D 42 13.64 -29.08 -8.41
N LYS D 43 14.77 -28.51 -8.81
CA LYS D 43 16.05 -28.95 -8.25
C LYS D 43 16.12 -28.69 -6.75
N VAL D 44 15.66 -27.51 -6.32
CA VAL D 44 15.65 -27.19 -4.89
C VAL D 44 14.73 -28.15 -4.15
N LEU D 45 13.55 -28.42 -4.70
CA LEU D 45 12.62 -29.33 -4.05
C LEU D 45 13.23 -30.72 -3.91
N LYS D 46 13.88 -31.21 -4.97
CA LYS D 46 14.47 -32.54 -4.93
C LYS D 46 15.67 -32.60 -3.99
N GLN D 47 16.38 -31.50 -3.78
CA GLN D 47 17.44 -31.50 -2.79
C GLN D 47 16.92 -31.27 -1.37
N VAL D 48 15.68 -30.83 -1.22
CA VAL D 48 15.06 -30.68 0.09
C VAL D 48 14.18 -31.89 0.43
N HIS D 49 13.28 -32.26 -0.48
CA HIS D 49 12.41 -33.43 -0.30
C HIS D 49 12.61 -34.34 -1.49
N PRO D 50 13.51 -35.32 -1.40
CA PRO D 50 13.82 -36.16 -2.57
C PRO D 50 12.65 -36.93 -3.12
N ASP D 51 11.72 -37.37 -2.28
CA ASP D 51 10.62 -38.22 -2.72
C ASP D 51 9.35 -37.45 -3.08
N THR D 52 9.37 -36.12 -3.02
CA THR D 52 8.16 -35.32 -3.18
C THR D 52 8.15 -34.62 -4.53
N GLY D 53 7.04 -34.77 -5.26
CA GLY D 53 6.82 -34.06 -6.50
C GLY D 53 6.02 -32.79 -6.28
N ILE D 54 5.86 -32.02 -7.35
CA ILE D 54 5.17 -30.74 -7.30
C ILE D 54 4.29 -30.61 -8.53
N SER D 55 3.08 -30.10 -8.33
CA SER D 55 2.10 -30.00 -9.41
C SER D 55 2.43 -28.83 -10.33
N SER D 56 1.65 -28.72 -11.41
CA SER D 56 1.84 -27.62 -12.35
C SER D 56 1.35 -26.30 -11.76
N LYS D 57 0.19 -26.31 -11.10
CA LYS D 57 -0.31 -25.10 -10.48
C LYS D 57 0.59 -24.65 -9.33
N ALA D 58 1.09 -25.60 -8.54
CA ALA D 58 2.03 -25.25 -7.48
C ALA D 58 3.31 -24.68 -8.06
N MET D 59 3.78 -25.22 -9.17
CA MET D 59 4.96 -24.66 -9.82
C MET D 59 4.70 -23.25 -10.33
N GLY D 60 3.51 -23.01 -10.87
CA GLY D 60 3.16 -21.66 -11.28
C GLY D 60 3.15 -20.68 -10.13
N ILE D 61 2.61 -21.12 -8.99
CA ILE D 61 2.60 -20.26 -7.80
C ILE D 61 4.02 -19.99 -7.32
N MET D 62 4.88 -21.01 -7.35
CA MET D 62 6.26 -20.79 -6.94
C MET D 62 6.99 -19.85 -7.89
N ASN D 63 6.71 -19.96 -9.19
CA ASN D 63 7.28 -19.03 -10.16
C ASN D 63 6.82 -17.60 -9.86
N SER D 64 5.53 -17.43 -9.60
CA SER D 64 5.02 -16.10 -9.26
C SER D 64 5.67 -15.57 -8.00
N PHE D 65 5.86 -16.43 -7.00
CA PHE D 65 6.50 -16.00 -5.76
C PHE D 65 7.94 -15.58 -5.99
N VAL D 66 8.69 -16.34 -6.78
CA VAL D 66 10.07 -15.98 -7.07
C VAL D 66 10.13 -14.65 -7.81
N ASN D 67 9.26 -14.47 -8.80
CA ASN D 67 9.23 -13.20 -9.54
C ASN D 67 8.90 -12.04 -8.61
N ASP D 68 7.93 -12.23 -7.72
CA ASP D 68 7.53 -11.17 -6.82
C ASP D 68 8.66 -10.78 -5.88
N ILE D 69 9.33 -11.76 -5.30
CA ILE D 69 10.42 -11.46 -4.37
C ILE D 69 11.58 -10.80 -5.11
N PHE D 70 11.87 -11.28 -6.33
CA PHE D 70 12.90 -10.65 -7.14
C PHE D 70 12.57 -9.18 -7.40
N GLU D 71 11.32 -8.90 -7.77
CA GLU D 71 10.93 -7.52 -8.05
C GLU D 71 11.02 -6.66 -6.80
N ARG D 72 10.62 -7.20 -5.65
CA ARG D 72 10.69 -6.44 -4.41
C ARG D 72 12.13 -6.08 -4.07
N ILE D 73 13.01 -7.09 -4.05
CA ILE D 73 14.39 -6.84 -3.66
C ILE D 73 15.09 -5.94 -4.66
N ALA D 74 14.85 -6.16 -5.96
CA ALA D 74 15.49 -5.33 -6.97
C ALA D 74 15.02 -3.89 -6.90
N GLY D 75 13.71 -3.66 -6.69
CA GLY D 75 13.23 -2.30 -6.56
C GLY D 75 13.77 -1.61 -5.32
N GLU D 76 13.83 -2.33 -4.20
CA GLU D 76 14.40 -1.73 -3.00
C GLU D 76 15.88 -1.40 -3.19
N ALA D 77 16.63 -2.28 -3.85
CA ALA D 77 18.03 -2.01 -4.10
C ALA D 77 18.21 -0.82 -5.04
N SER D 78 17.34 -0.71 -6.05
CA SER D 78 17.39 0.44 -6.95
C SER D 78 17.13 1.73 -6.20
N ARG D 79 16.12 1.73 -5.31
CA ARG D 79 15.84 2.92 -4.52
C ARG D 79 17.00 3.27 -3.60
N LEU D 80 17.63 2.25 -3.00
CA LEU D 80 18.78 2.50 -2.14
C LEU D 80 19.94 3.10 -2.93
N ALA D 81 20.18 2.60 -4.14
CA ALA D 81 21.22 3.17 -4.98
C ALA D 81 20.90 4.62 -5.34
N HIS D 82 19.63 4.89 -5.64
CA HIS D 82 19.24 6.25 -6.02
C HIS D 82 19.39 7.22 -4.85
N TYR D 83 19.06 6.77 -3.64
CA TYR D 83 19.10 7.66 -2.48
C TYR D 83 20.51 8.12 -2.18
N ASN D 84 21.49 7.23 -2.28
CA ASN D 84 22.88 7.55 -1.98
C ASN D 84 23.63 8.12 -3.17
N LYS D 85 22.95 8.35 -4.28
CA LYS D 85 23.54 8.86 -5.51
C LYS D 85 24.55 7.89 -6.12
N ARG D 86 24.51 6.63 -5.73
CA ARG D 86 25.28 5.60 -6.41
C ARG D 86 24.55 5.16 -7.67
N SER D 87 25.33 4.79 -8.69
CA SER D 87 24.78 4.34 -9.96
C SER D 87 24.95 2.85 -10.16
N THR D 88 25.26 2.10 -9.10
CA THR D 88 25.55 0.68 -9.20
C THR D 88 24.74 -0.07 -8.15
N ILE D 89 24.37 -1.31 -8.49
CA ILE D 89 23.73 -2.22 -7.56
C ILE D 89 24.75 -3.29 -7.21
N THR D 90 25.28 -3.24 -6.00
CA THR D 90 26.28 -4.18 -5.53
C THR D 90 25.65 -5.13 -4.52
N SER D 91 26.48 -5.98 -3.92
CA SER D 91 25.99 -6.94 -2.95
C SER D 91 25.44 -6.25 -1.71
N ARG D 92 26.11 -5.18 -1.26
CA ARG D 92 25.66 -4.50 -0.05
C ARG D 92 24.30 -3.85 -0.25
N GLU D 93 24.00 -3.36 -1.45
CA GLU D 93 22.66 -2.87 -1.74
C GLU D 93 21.64 -4.00 -1.62
N ILE D 94 21.97 -5.17 -2.17
CA ILE D 94 21.06 -6.31 -2.09
C ILE D 94 20.92 -6.77 -0.64
N GLN D 95 22.02 -6.76 0.12
CA GLN D 95 21.96 -7.15 1.51
C GLN D 95 21.06 -6.22 2.32
N THR D 96 21.21 -4.91 2.11
CA THR D 96 20.37 -3.96 2.81
C THR D 96 18.91 -4.10 2.41
N ALA D 97 18.65 -4.33 1.12
CA ALA D 97 17.28 -4.60 0.69
C ALA D 97 16.71 -5.83 1.39
N VAL D 98 17.46 -6.93 1.38
CA VAL D 98 17.00 -8.17 2.02
C VAL D 98 16.68 -7.91 3.49
N ARG D 99 17.52 -7.13 4.16
CA ARG D 99 17.25 -6.80 5.55
C ARG D 99 15.98 -5.95 5.68
N LEU D 100 15.70 -5.12 4.67
CA LEU D 100 14.52 -4.25 4.77
C LEU D 100 13.22 -5.01 4.55
N LEU D 101 13.15 -5.86 3.52
CA LEU D 101 11.90 -6.58 3.27
C LEU D 101 11.73 -7.78 4.21
N LEU D 102 12.67 -8.72 4.17
CA LEU D 102 12.47 -9.98 4.88
C LEU D 102 12.40 -9.75 6.39
N PRO D 103 11.49 -10.43 7.09
CA PRO D 103 11.31 -10.21 8.52
C PRO D 103 12.15 -11.11 9.41
N GLY D 104 12.88 -10.49 10.32
CA GLY D 104 13.56 -11.19 11.41
C GLY D 104 14.47 -12.34 11.06
N GLU D 105 14.11 -13.55 11.52
CA GLU D 105 14.95 -14.71 11.31
C GLU D 105 15.15 -15.01 9.83
N LEU D 106 14.12 -14.78 9.02
CA LEU D 106 14.27 -14.92 7.58
C LEU D 106 15.36 -13.99 7.06
N ALA D 107 15.36 -12.73 7.51
CA ALA D 107 16.38 -11.78 7.08
C ALA D 107 17.76 -12.24 7.52
N LYS D 108 17.90 -12.71 8.76
CA LYS D 108 19.19 -13.15 9.25
C LYS D 108 19.72 -14.33 8.43
N HIS D 109 18.89 -15.35 8.24
CA HIS D 109 19.34 -16.53 7.51
C HIS D 109 19.62 -16.21 6.05
N ALA D 110 18.79 -15.38 5.43
CA ALA D 110 19.00 -15.02 4.03
C ALA D 110 20.30 -14.24 3.87
N VAL D 111 20.60 -13.32 4.79
CA VAL D 111 21.86 -12.59 4.73
C VAL D 111 23.03 -13.55 4.88
N SER D 112 22.91 -14.52 5.79
CA SER D 112 23.97 -15.50 5.96
C SER D 112 24.19 -16.29 4.67
N GLU D 113 23.11 -16.77 4.05
CA GLU D 113 23.22 -17.56 2.83
C GLU D 113 23.84 -16.73 1.70
N GLY D 114 23.38 -15.49 1.54
CA GLY D 114 23.92 -14.65 0.50
C GLY D 114 25.40 -14.36 0.70
N THR D 115 25.79 -14.06 1.93
CA THR D 115 27.21 -13.78 2.20
C THR D 115 28.06 -15.01 1.94
N LYS D 116 27.58 -16.19 2.35
CA LYS D 116 28.31 -17.42 2.08
C LYS D 116 28.47 -17.67 0.59
N ALA D 117 27.39 -17.46 -0.18
CA ALA D 117 27.46 -17.67 -1.63
C ALA D 117 28.41 -16.68 -2.28
N VAL D 118 28.38 -15.41 -1.86
CA VAL D 118 29.28 -14.41 -2.44
C VAL D 118 30.73 -14.75 -2.11
N THR D 119 31.00 -15.17 -0.87
CA THR D 119 32.37 -15.53 -0.52
C THR D 119 32.84 -16.73 -1.33
N LYS D 120 32.00 -17.75 -1.48
CA LYS D 120 32.39 -18.91 -2.27
C LYS D 120 32.63 -18.53 -3.72
N TYR D 121 31.79 -17.66 -4.28
CA TYR D 121 31.97 -17.24 -5.67
C TYR D 121 33.27 -16.48 -5.84
N THR D 122 33.54 -15.50 -4.97
CA THR D 122 34.76 -14.73 -5.08
C THR D 122 36.01 -15.54 -4.75
N SER D 123 35.86 -16.68 -4.08
CA SER D 123 37.01 -17.54 -3.82
C SER D 123 37.42 -18.37 -5.02
N SER D 124 36.62 -18.39 -6.09
CA SER D 124 36.95 -19.16 -7.28
C SER D 124 38.07 -18.50 -8.06
N HIS E 39 -35.89 -37.06 13.24
CA HIS E 39 -34.64 -36.43 13.62
C HIS E 39 -34.62 -34.97 13.18
N ARG E 40 -34.00 -34.12 14.00
CA ARG E 40 -33.95 -32.69 13.71
C ARG E 40 -32.75 -32.11 14.45
N TYR E 41 -31.74 -31.67 13.69
CA TYR E 41 -30.58 -31.04 14.30
C TYR E 41 -30.96 -29.69 14.90
N ARG E 42 -30.46 -29.42 16.09
CA ARG E 42 -30.68 -28.13 16.71
C ARG E 42 -29.93 -27.06 15.92
N PRO E 43 -30.52 -25.86 15.80
CA PRO E 43 -29.92 -24.82 14.94
C PRO E 43 -28.52 -24.45 15.41
N GLY E 44 -27.57 -24.50 14.48
CA GLY E 44 -26.19 -24.15 14.79
C GLY E 44 -25.21 -25.25 14.43
N THR E 45 -25.58 -26.50 14.67
CA THR E 45 -24.66 -27.61 14.39
C THR E 45 -24.40 -27.76 12.92
N VAL E 46 -25.43 -27.65 12.08
CA VAL E 46 -25.23 -27.76 10.64
C VAL E 46 -24.38 -26.60 10.14
N ALA E 47 -24.54 -25.42 10.72
CA ALA E 47 -23.68 -24.29 10.36
C ALA E 47 -22.22 -24.57 10.70
N LEU E 48 -21.97 -25.17 11.86
CA LEU E 48 -20.60 -25.48 12.24
C LEU E 48 -19.98 -26.51 11.30
N ARG E 49 -20.74 -27.55 10.94
CA ARG E 49 -20.18 -28.54 10.02
C ARG E 49 -20.01 -27.96 8.63
N GLU E 50 -20.85 -27.01 8.23
CA GLU E 50 -20.63 -26.33 6.96
C GLU E 50 -19.36 -25.48 7.00
N ILE E 51 -19.10 -24.82 8.13
CA ILE E 51 -17.85 -24.07 8.27
C ILE E 51 -16.67 -25.01 8.18
N ARG E 52 -16.75 -26.15 8.85
CA ARG E 52 -15.65 -27.11 8.82
C ARG E 52 -15.47 -27.72 7.42
N ARG E 53 -16.55 -27.80 6.64
CA ARG E 53 -16.44 -28.33 5.29
C ARG E 53 -15.81 -27.31 4.35
N TYR E 54 -16.35 -26.09 4.31
CA TYR E 54 -15.89 -25.10 3.34
C TYR E 54 -14.53 -24.51 3.70
N GLN E 55 -14.10 -24.63 4.96
CA GLN E 55 -12.74 -24.25 5.28
C GLN E 55 -11.75 -25.35 4.91
N LYS E 56 -12.18 -26.61 4.95
CA LYS E 56 -11.32 -27.72 4.58
C LYS E 56 -11.14 -27.79 3.06
N SER E 57 -12.22 -27.61 2.31
CA SER E 57 -12.16 -27.69 0.86
C SER E 57 -11.54 -26.42 0.28
N THR E 58 -11.22 -26.47 -1.00
CA THR E 58 -10.52 -25.38 -1.66
C THR E 58 -11.11 -24.95 -3.00
N GLU E 59 -12.27 -25.48 -3.39
CA GLU E 59 -12.85 -25.14 -4.67
C GLU E 59 -13.48 -23.74 -4.62
N LEU E 60 -13.95 -23.28 -5.77
CA LEU E 60 -14.64 -22.01 -5.87
C LEU E 60 -16.09 -22.16 -5.45
N LEU E 61 -16.65 -21.09 -4.88
CA LEU E 61 -17.97 -21.16 -4.27
C LEU E 61 -19.06 -20.44 -5.05
N ILE E 62 -18.72 -19.57 -5.98
CA ILE E 62 -19.70 -18.91 -6.82
C ILE E 62 -19.83 -19.67 -8.13
N ARG E 63 -21.06 -19.82 -8.61
CA ARG E 63 -21.30 -20.49 -9.89
C ARG E 63 -20.56 -19.76 -11.01
N LYS E 64 -19.96 -20.53 -11.91
CA LYS E 64 -19.04 -19.96 -12.90
C LYS E 64 -19.76 -19.06 -13.89
N LEU E 65 -20.84 -19.56 -14.49
CA LEU E 65 -21.51 -18.82 -15.56
C LEU E 65 -22.09 -17.49 -15.13
N PRO E 66 -22.86 -17.39 -14.02
CA PRO E 66 -23.33 -16.07 -13.60
C PRO E 66 -22.21 -15.12 -13.28
N PHE E 67 -21.08 -15.60 -12.76
CA PHE E 67 -19.96 -14.70 -12.52
C PHE E 67 -19.35 -14.22 -13.83
N GLN E 68 -19.26 -15.10 -14.83
CA GLN E 68 -18.81 -14.66 -16.16
C GLN E 68 -19.70 -13.56 -16.68
N ARG E 69 -21.01 -13.76 -16.59
CA ARG E 69 -21.95 -12.77 -17.12
C ARG E 69 -21.86 -11.46 -16.35
N LEU E 70 -21.70 -11.53 -15.03
CA LEU E 70 -21.57 -10.33 -14.22
C LEU E 70 -20.32 -9.55 -14.59
N VAL E 71 -19.19 -10.26 -14.74
CA VAL E 71 -17.95 -9.61 -15.14
C VAL E 71 -18.10 -8.97 -16.51
N ARG E 72 -18.75 -9.66 -17.44
CA ARG E 72 -18.92 -9.13 -18.78
C ARG E 72 -19.79 -7.88 -18.77
N GLU E 73 -20.89 -7.88 -18.00
CA GLU E 73 -21.77 -6.73 -18.01
C GLU E 73 -21.19 -5.56 -17.24
N ILE E 74 -20.33 -5.81 -16.25
CA ILE E 74 -19.64 -4.71 -15.59
C ILE E 74 -18.64 -4.08 -16.54
N ALA E 75 -17.97 -4.88 -17.36
CA ALA E 75 -16.91 -4.36 -18.21
C ALA E 75 -17.46 -3.52 -19.36
N GLN E 76 -18.68 -3.81 -19.80
CA GLN E 76 -19.22 -3.10 -20.95
C GLN E 76 -19.50 -1.63 -20.65
N ASP E 77 -19.44 -1.22 -19.39
CA ASP E 77 -19.57 0.19 -19.05
C ASP E 77 -18.30 0.97 -19.35
N PHE E 78 -17.19 0.30 -19.68
CA PHE E 78 -15.93 0.94 -19.99
C PHE E 78 -15.57 0.85 -21.46
N LYS E 79 -15.59 -0.35 -22.04
CA LYS E 79 -15.41 -0.52 -23.47
C LYS E 79 -16.42 -1.53 -23.97
N THR E 80 -16.97 -1.28 -25.15
CA THR E 80 -17.96 -2.18 -25.73
C THR E 80 -17.26 -3.36 -26.39
N ASP E 81 -18.08 -4.39 -26.67
CA ASP E 81 -17.69 -5.60 -27.42
C ASP E 81 -16.35 -6.17 -26.97
N LEU E 82 -16.05 -6.02 -25.69
CA LEU E 82 -14.82 -6.57 -25.13
C LEU E 82 -14.87 -8.09 -25.13
N ARG E 83 -13.70 -8.69 -25.28
CA ARG E 83 -13.51 -10.12 -25.18
C ARG E 83 -12.68 -10.44 -23.94
N PHE E 84 -12.94 -11.58 -23.33
CA PHE E 84 -12.28 -11.97 -22.10
C PHE E 84 -11.60 -13.32 -22.28
N GLN E 85 -10.32 -13.40 -21.94
CA GLN E 85 -9.67 -14.70 -21.84
C GLN E 85 -10.26 -15.46 -20.66
N SER E 86 -10.39 -16.78 -20.82
CA SER E 86 -10.97 -17.59 -19.76
C SER E 86 -10.18 -17.47 -18.47
N SER E 87 -8.85 -17.45 -18.58
CA SER E 87 -8.02 -17.29 -17.40
C SER E 87 -8.25 -15.94 -16.74
N ALA E 88 -8.62 -14.92 -17.51
CA ALA E 88 -8.91 -13.62 -16.91
C ALA E 88 -10.16 -13.68 -16.03
N VAL E 89 -11.21 -14.32 -16.52
CA VAL E 89 -12.42 -14.49 -15.72
C VAL E 89 -12.14 -15.34 -14.49
N MET E 90 -11.33 -16.39 -14.66
CA MET E 90 -10.97 -17.23 -13.52
C MET E 90 -10.20 -16.44 -12.47
N ALA E 91 -9.25 -15.62 -12.90
CA ALA E 91 -8.49 -14.80 -11.96
C ALA E 91 -9.40 -13.80 -11.25
N LEU E 92 -10.33 -13.19 -11.98
CA LEU E 92 -11.27 -12.29 -11.35
C LEU E 92 -12.10 -13.00 -10.28
N GLN E 93 -12.57 -14.21 -10.60
CA GLN E 93 -13.37 -14.95 -9.62
C GLN E 93 -12.54 -15.32 -8.39
N GLU E 94 -11.31 -15.77 -8.60
CA GLU E 94 -10.45 -16.12 -7.47
C GLU E 94 -10.22 -14.93 -6.56
N ALA E 95 -9.88 -13.79 -7.16
CA ALA E 95 -9.64 -12.59 -6.36
C ALA E 95 -10.89 -12.14 -5.63
N SER E 96 -12.05 -12.21 -6.30
CA SER E 96 -13.30 -11.78 -5.68
C SER E 96 -13.66 -12.67 -4.51
N GLU E 97 -13.52 -13.98 -4.66
CA GLU E 97 -13.85 -14.87 -3.55
C GLU E 97 -12.88 -14.70 -2.40
N ALA E 98 -11.58 -14.51 -2.69
CA ALA E 98 -10.64 -14.27 -1.59
C ALA E 98 -10.97 -12.99 -0.85
N TYR E 99 -11.30 -11.93 -1.58
CA TYR E 99 -11.65 -10.67 -0.94
C TYR E 99 -12.91 -10.82 -0.09
N LEU E 100 -13.92 -11.50 -0.61
CA LEU E 100 -15.16 -11.68 0.14
C LEU E 100 -14.92 -12.52 1.40
N VAL E 101 -14.08 -13.55 1.31
CA VAL E 101 -13.81 -14.39 2.47
C VAL E 101 -13.07 -13.60 3.54
N GLY E 102 -12.08 -12.79 3.14
CA GLY E 102 -11.40 -11.95 4.12
C GLY E 102 -12.34 -10.94 4.75
N LEU E 103 -13.22 -10.33 3.94
CA LEU E 103 -14.19 -9.39 4.46
C LEU E 103 -15.12 -10.07 5.46
N PHE E 104 -15.54 -11.30 5.17
CA PHE E 104 -16.41 -12.04 6.08
C PHE E 104 -15.69 -12.41 7.37
N GLU E 105 -14.39 -12.71 7.29
CA GLU E 105 -13.63 -12.94 8.52
C GLU E 105 -13.62 -11.70 9.40
N ASP E 106 -13.29 -10.55 8.81
CA ASP E 106 -13.28 -9.31 9.58
C ASP E 106 -14.67 -8.98 10.12
N THR E 107 -15.70 -9.23 9.33
CA THR E 107 -17.07 -8.96 9.74
C THR E 107 -17.50 -9.86 10.89
N ASN E 108 -17.12 -11.13 10.85
CA ASN E 108 -17.42 -12.02 11.96
C ASN E 108 -16.70 -11.58 13.23
N LEU E 109 -15.46 -11.12 13.09
CA LEU E 109 -14.75 -10.60 14.25
C LEU E 109 -15.48 -9.40 14.84
N ALA E 110 -15.94 -8.48 13.98
CA ALA E 110 -16.66 -7.31 14.46
C ALA E 110 -17.97 -7.69 15.13
N ALA E 111 -18.70 -8.64 14.53
CA ALA E 111 -19.97 -9.06 15.09
C ALA E 111 -19.80 -9.75 16.44
N ILE E 112 -18.77 -10.58 16.58
CA ILE E 112 -18.49 -11.21 17.88
C ILE E 112 -18.07 -10.16 18.90
N HIS E 113 -17.33 -9.13 18.45
CA HIS E 113 -16.91 -8.08 19.37
C HIS E 113 -18.09 -7.36 20.00
N ALA E 114 -19.21 -7.28 19.28
CA ALA E 114 -20.41 -6.62 19.79
C ALA E 114 -21.31 -7.56 20.56
N LYS E 115 -20.77 -8.65 21.10
CA LYS E 115 -21.51 -9.64 21.87
C LYS E 115 -22.62 -10.32 21.05
N ARG E 116 -22.48 -10.34 19.73
CA ARG E 116 -23.43 -11.01 18.85
C ARG E 116 -22.75 -12.17 18.14
N VAL E 117 -23.57 -13.11 17.68
CA VAL E 117 -23.10 -14.16 16.77
C VAL E 117 -23.71 -14.03 15.39
N THR E 118 -24.68 -13.15 15.20
CA THR E 118 -25.32 -12.96 13.91
C THR E 118 -24.63 -11.83 13.17
N ILE E 119 -24.06 -12.13 12.01
CA ILE E 119 -23.43 -11.11 11.19
C ILE E 119 -24.49 -10.19 10.61
N MET E 120 -24.22 -8.89 10.63
CA MET E 120 -25.18 -7.88 10.21
C MET E 120 -24.47 -6.85 9.34
N PRO E 121 -25.22 -6.14 8.48
CA PRO E 121 -24.57 -5.17 7.58
C PRO E 121 -23.81 -4.08 8.30
N LYS E 122 -24.19 -3.74 9.53
CA LYS E 122 -23.42 -2.77 10.30
C LYS E 122 -21.99 -3.25 10.49
N ASP E 123 -21.82 -4.54 10.74
CA ASP E 123 -20.49 -5.11 10.92
C ASP E 123 -19.69 -5.06 9.62
N ILE E 124 -20.36 -5.29 8.48
CA ILE E 124 -19.68 -5.15 7.19
C ILE E 124 -19.19 -3.73 7.00
N GLN E 125 -20.06 -2.75 7.32
CA GLN E 125 -19.65 -1.35 7.18
C GLN E 125 -18.48 -1.03 8.08
N LEU E 126 -18.51 -1.50 9.33
CA LEU E 126 -17.41 -1.21 10.26
C LEU E 126 -16.12 -1.84 9.78
N ALA E 127 -16.17 -3.09 9.32
CA ALA E 127 -14.96 -3.74 8.81
C ALA E 127 -14.42 -3.02 7.59
N ARG E 128 -15.30 -2.61 6.67
CA ARG E 128 -14.86 -1.89 5.49
C ARG E 128 -14.20 -0.57 5.85
N ARG E 129 -14.77 0.15 6.82
CA ARG E 129 -14.21 1.44 7.19
C ARG E 129 -12.87 1.28 7.91
N ILE E 130 -12.77 0.32 8.83
CA ILE E 130 -11.52 0.14 9.56
C ILE E 130 -10.43 -0.36 8.63
N ARG E 131 -10.77 -1.25 7.69
CA ARG E 131 -9.80 -1.66 6.68
C ARG E 131 -9.37 -0.50 5.79
N GLY E 132 -10.20 0.53 5.67
CA GLY E 132 -9.89 1.67 4.83
C GLY E 132 -10.55 1.66 3.46
N GLU E 133 -11.58 0.85 3.26
CA GLU E 133 -12.25 0.75 1.97
C GLU E 133 -13.47 1.66 1.86
N ARG E 134 -13.80 2.41 2.91
CA ARG E 134 -14.91 3.35 2.84
C ARG E 134 -14.46 4.77 3.18
N ALA E 135 -13.60 4.90 4.19
CA ALA E 135 -13.10 6.19 4.64
C ALA E 135 -14.24 7.15 4.98
N ARG F 23 -28.71 -7.72 -18.72
CA ARG F 23 -28.82 -6.82 -17.57
C ARG F 23 -29.40 -7.56 -16.36
N ASP F 24 -29.24 -6.95 -15.18
CA ASP F 24 -29.71 -7.53 -13.92
C ASP F 24 -29.05 -8.90 -13.72
N ASN F 25 -27.73 -8.88 -13.53
CA ASN F 25 -26.95 -10.09 -13.36
C ASN F 25 -26.21 -10.14 -12.04
N ILE F 26 -26.36 -9.14 -11.18
CA ILE F 26 -25.84 -9.24 -9.83
C ILE F 26 -26.67 -10.21 -9.01
N GLN F 27 -27.91 -10.48 -9.43
CA GLN F 27 -28.71 -11.53 -8.81
C GLN F 27 -28.09 -12.90 -9.00
N GLY F 28 -27.16 -13.04 -9.95
CA GLY F 28 -26.46 -14.30 -10.13
C GLY F 28 -25.58 -14.68 -8.96
N ILE F 29 -25.18 -13.71 -8.15
CA ILE F 29 -24.48 -14.00 -6.89
C ILE F 29 -25.57 -14.28 -5.87
N THR F 30 -26.05 -15.51 -5.87
CA THR F 30 -27.29 -15.86 -5.19
C THR F 30 -27.07 -15.94 -3.68
N LYS F 31 -28.17 -16.13 -2.96
CA LYS F 31 -28.11 -16.19 -1.50
C LYS F 31 -27.28 -17.35 -0.97
N PRO F 32 -27.48 -18.60 -1.41
CA PRO F 32 -26.61 -19.67 -0.90
C PRO F 32 -25.13 -19.49 -1.22
N ALA F 33 -24.80 -18.84 -2.33
CA ALA F 33 -23.39 -18.61 -2.66
C ALA F 33 -22.74 -17.69 -1.63
N ILE F 34 -23.42 -16.59 -1.29
CA ILE F 34 -22.90 -15.69 -0.25
C ILE F 34 -22.90 -16.41 1.09
N ARG F 35 -23.89 -17.25 1.33
CA ARG F 35 -23.96 -17.98 2.58
C ARG F 35 -22.76 -18.89 2.75
N ARG F 36 -22.38 -19.62 1.70
CA ARG F 36 -21.23 -20.52 1.82
C ARG F 36 -19.92 -19.75 1.79
N LEU F 37 -19.86 -18.60 1.13
CA LEU F 37 -18.69 -17.75 1.27
C LEU F 37 -18.51 -17.30 2.71
N ALA F 38 -19.61 -16.94 3.38
CA ALA F 38 -19.54 -16.60 4.80
C ALA F 38 -19.15 -17.81 5.64
N ARG F 39 -19.65 -18.99 5.30
CA ARG F 39 -19.28 -20.20 6.02
C ARG F 39 -17.77 -20.43 5.94
N ARG F 40 -17.20 -20.27 4.75
CA ARG F 40 -15.75 -20.32 4.64
C ARG F 40 -15.09 -19.23 5.46
N GLY F 41 -15.70 -18.05 5.51
CA GLY F 41 -15.17 -16.98 6.34
C GLY F 41 -15.25 -17.24 7.82
N GLY F 42 -16.00 -18.25 8.24
CA GLY F 42 -16.11 -18.59 9.64
C GLY F 42 -17.36 -18.12 10.34
N VAL F 43 -18.39 -17.72 9.60
CA VAL F 43 -19.60 -17.12 10.18
C VAL F 43 -20.55 -18.21 10.62
N LYS F 44 -21.11 -18.05 11.82
CA LYS F 44 -22.04 -19.04 12.36
C LYS F 44 -23.44 -18.87 11.77
N ARG F 45 -24.06 -17.71 11.97
CA ARG F 45 -25.37 -17.44 11.39
C ARG F 45 -25.37 -16.05 10.78
N ILE F 46 -26.26 -15.87 9.80
CA ILE F 46 -26.25 -14.71 8.92
C ILE F 46 -27.62 -14.05 8.95
N SER F 47 -27.62 -12.71 9.05
CA SER F 47 -28.85 -11.95 8.99
C SER F 47 -29.30 -11.77 7.55
N GLY F 48 -30.62 -11.65 7.37
CA GLY F 48 -31.19 -11.61 6.03
C GLY F 48 -30.80 -10.41 5.21
N LEU F 49 -30.39 -9.32 5.85
CA LEU F 49 -30.00 -8.11 5.14
C LEU F 49 -28.56 -8.16 4.64
N ILE F 50 -27.84 -9.26 4.92
CA ILE F 50 -26.43 -9.35 4.56
C ILE F 50 -26.27 -9.48 3.04
N TYR F 51 -27.16 -10.25 2.41
CA TYR F 51 -26.93 -10.66 1.03
C TYR F 51 -26.87 -9.47 0.08
N GLU F 52 -27.83 -8.55 0.19
CA GLU F 52 -27.81 -7.38 -0.67
C GLU F 52 -26.57 -6.54 -0.45
N GLU F 53 -26.18 -6.34 0.81
CA GLU F 53 -24.97 -5.59 1.10
C GLU F 53 -23.74 -6.27 0.52
N THR F 54 -23.66 -7.60 0.65
CA THR F 54 -22.50 -8.32 0.15
C THR F 54 -22.40 -8.23 -1.36
N ARG F 55 -23.52 -8.36 -2.07
CA ARG F 55 -23.43 -8.29 -3.53
C ARG F 55 -23.17 -6.86 -3.99
N GLY F 56 -23.62 -5.85 -3.24
CA GLY F 56 -23.22 -4.49 -3.56
C GLY F 56 -21.73 -4.28 -3.39
N VAL F 57 -21.15 -4.80 -2.30
CA VAL F 57 -19.71 -4.70 -2.08
C VAL F 57 -18.96 -5.43 -3.19
N LEU F 58 -19.45 -6.61 -3.58
CA LEU F 58 -18.81 -7.36 -4.65
C LEU F 58 -18.85 -6.60 -5.96
N LYS F 59 -19.98 -5.96 -6.26
CA LYS F 59 -20.06 -5.15 -7.48
C LYS F 59 -19.07 -4.00 -7.44
N VAL F 60 -18.94 -3.34 -6.29
CA VAL F 60 -17.99 -2.24 -6.18
C VAL F 60 -16.57 -2.73 -6.43
N PHE F 61 -16.20 -3.85 -5.81
CA PHE F 61 -14.85 -4.39 -5.99
C PHE F 61 -14.61 -4.78 -7.44
N LEU F 62 -15.60 -5.43 -8.07
CA LEU F 62 -15.44 -5.84 -9.46
C LEU F 62 -15.28 -4.65 -10.38
N GLU F 63 -16.06 -3.59 -10.17
CA GLU F 63 -15.88 -2.39 -10.98
C GLU F 63 -14.48 -1.81 -10.80
N ASN F 64 -14.01 -1.75 -9.55
CA ASN F 64 -12.70 -1.18 -9.28
C ASN F 64 -11.61 -1.95 -9.99
N VAL F 65 -11.68 -3.28 -9.97
CA VAL F 65 -10.64 -4.08 -10.61
C VAL F 65 -10.76 -4.04 -12.13
N ILE F 66 -11.98 -4.19 -12.64
CA ILE F 66 -12.17 -4.29 -14.09
C ILE F 66 -11.85 -2.99 -14.78
N ARG F 67 -12.04 -1.84 -14.10
CA ARG F 67 -11.67 -0.58 -14.73
C ARG F 67 -10.17 -0.54 -15.03
N ASP F 68 -9.34 -0.93 -14.06
CA ASP F 68 -7.90 -0.95 -14.28
C ASP F 68 -7.53 -2.02 -15.30
N ALA F 69 -8.19 -3.17 -15.26
CA ALA F 69 -7.89 -4.21 -16.24
C ALA F 69 -8.16 -3.72 -17.67
N VAL F 70 -9.33 -3.11 -17.88
CA VAL F 70 -9.67 -2.68 -19.23
C VAL F 70 -8.77 -1.53 -19.66
N THR F 71 -8.38 -0.64 -18.75
CA THR F 71 -7.48 0.43 -19.18
C THR F 71 -6.09 -0.11 -19.51
N TYR F 72 -5.67 -1.17 -18.81
CA TYR F 72 -4.44 -1.84 -19.20
C TYR F 72 -4.55 -2.39 -20.61
N THR F 73 -5.71 -2.96 -20.95
CA THR F 73 -5.90 -3.47 -22.31
C THR F 73 -5.97 -2.35 -23.34
N GLU F 74 -6.55 -1.20 -22.96
CA GLU F 74 -6.57 -0.05 -23.87
C GLU F 74 -5.16 0.40 -24.20
N HIS F 75 -4.29 0.41 -23.19
CA HIS F 75 -2.92 0.86 -23.45
C HIS F 75 -2.24 -0.02 -24.47
N ALA F 76 -2.52 -1.32 -24.46
CA ALA F 76 -1.86 -2.25 -25.36
C ALA F 76 -2.54 -2.35 -26.72
N LYS F 77 -3.55 -1.51 -26.98
CA LYS F 77 -4.31 -1.54 -28.23
C LYS F 77 -4.95 -2.90 -28.48
N ARG F 78 -5.29 -3.62 -27.41
CA ARG F 78 -5.89 -4.94 -27.54
C ARG F 78 -7.41 -4.84 -27.45
N LYS F 79 -8.06 -5.98 -27.66
CA LYS F 79 -9.49 -6.11 -27.47
C LYS F 79 -9.87 -7.29 -26.60
N THR F 80 -8.90 -8.08 -26.15
CA THR F 80 -9.12 -9.19 -25.24
C THR F 80 -8.47 -8.85 -23.90
N VAL F 81 -9.26 -8.91 -22.83
CA VAL F 81 -8.75 -8.68 -21.49
C VAL F 81 -8.03 -9.95 -21.04
N THR F 82 -6.71 -9.97 -21.17
CA THR F 82 -5.95 -11.15 -20.79
C THR F 82 -5.83 -11.25 -19.27
N ALA F 83 -5.49 -12.45 -18.80
CA ALA F 83 -5.34 -12.66 -17.36
C ALA F 83 -4.19 -11.85 -16.79
N MET F 84 -3.21 -11.52 -17.63
CA MET F 84 -2.10 -10.70 -17.16
C MET F 84 -2.56 -9.30 -16.78
N ASP F 85 -3.53 -8.75 -17.54
CA ASP F 85 -4.07 -7.44 -17.19
C ASP F 85 -4.77 -7.49 -15.83
N VAL F 86 -5.55 -8.54 -15.59
CA VAL F 86 -6.23 -8.68 -14.30
C VAL F 86 -5.21 -8.81 -13.17
N VAL F 87 -4.17 -9.60 -13.40
CA VAL F 87 -3.13 -9.78 -12.39
C VAL F 87 -2.44 -8.45 -12.09
N TYR F 88 -2.13 -7.68 -13.12
CA TYR F 88 -1.49 -6.38 -12.93
C TYR F 88 -2.41 -5.42 -12.17
N ALA F 89 -3.69 -5.41 -12.51
CA ALA F 89 -4.63 -4.56 -11.80
C ALA F 89 -4.72 -4.92 -10.32
N LEU F 90 -4.81 -6.22 -10.04
CA LEU F 90 -4.86 -6.66 -8.64
C LEU F 90 -3.58 -6.31 -7.91
N LYS F 91 -2.43 -6.47 -8.57
CA LYS F 91 -1.16 -6.16 -7.93
C LYS F 91 -1.06 -4.67 -7.62
N ARG F 92 -1.46 -3.82 -8.56
CA ARG F 92 -1.40 -2.38 -8.31
C ARG F 92 -2.46 -1.95 -7.31
N GLN F 93 -3.49 -2.75 -7.07
CA GLN F 93 -4.46 -2.45 -6.03
C GLN F 93 -4.04 -3.00 -4.67
N GLY F 94 -2.89 -3.64 -4.57
CA GLY F 94 -2.43 -4.17 -3.29
C GLY F 94 -2.98 -5.54 -2.95
N ARG F 95 -3.41 -6.31 -3.94
CA ARG F 95 -3.99 -7.63 -3.74
C ARG F 95 -3.38 -8.63 -4.70
N THR F 96 -2.04 -8.65 -4.77
CA THR F 96 -1.32 -9.47 -5.73
C THR F 96 -1.82 -10.92 -5.71
N LEU F 97 -1.93 -11.49 -6.91
CA LEU F 97 -2.50 -12.83 -7.08
C LEU F 97 -1.43 -13.77 -7.62
N TYR F 98 -1.29 -14.93 -6.99
CA TYR F 98 -0.35 -15.96 -7.41
C TYR F 98 -1.12 -17.09 -8.09
N GLY F 99 -0.67 -17.51 -9.26
CA GLY F 99 -1.26 -18.66 -9.91
C GLY F 99 -1.56 -18.47 -11.37
N PHE F 100 -1.62 -17.22 -11.83
CA PHE F 100 -1.98 -16.92 -13.21
C PHE F 100 -0.92 -16.12 -13.94
N GLY F 101 0.25 -15.90 -13.34
CA GLY F 101 1.31 -15.16 -13.97
C GLY F 101 2.06 -14.25 -13.03
N ALA G 10 25.12 32.79 -35.88
CA ALA G 10 23.95 33.34 -35.20
C ALA G 10 22.82 32.33 -35.14
N ARG G 11 21.97 32.46 -34.12
CA ARG G 11 20.85 31.54 -33.94
C ARG G 11 19.72 32.27 -33.24
N ALA G 12 18.53 31.67 -33.29
CA ALA G 12 17.35 32.30 -32.73
C ALA G 12 17.41 32.36 -31.21
N LYS G 13 16.63 33.27 -30.63
CA LYS G 13 16.55 33.40 -29.19
C LYS G 13 15.84 32.19 -28.59
N ALA G 14 16.34 31.73 -27.44
CA ALA G 14 15.80 30.54 -26.81
C ALA G 14 14.37 30.78 -26.32
N LYS G 15 13.51 29.80 -26.54
CA LYS G 15 12.15 29.77 -26.00
C LYS G 15 12.01 28.50 -25.19
N THR G 16 11.83 28.65 -23.88
CA THR G 16 11.73 27.49 -23.00
C THR G 16 10.52 26.65 -23.36
N ARG G 17 10.69 25.32 -23.23
CA ARG G 17 9.60 24.41 -23.56
C ARG G 17 8.40 24.63 -22.67
N SER G 18 8.60 25.15 -21.46
CA SER G 18 7.47 25.54 -20.63
C SER G 18 6.68 26.68 -21.28
N SER G 19 7.40 27.66 -21.82
CA SER G 19 6.73 28.75 -22.54
C SER G 19 6.05 28.23 -23.80
N ARG G 20 6.70 27.29 -24.50
CA ARG G 20 6.13 26.75 -25.72
C ARG G 20 4.80 26.05 -25.47
N ALA G 21 4.71 25.29 -24.37
CA ALA G 21 3.50 24.55 -24.06
C ALA G 21 2.49 25.36 -23.26
N GLY G 22 2.84 26.58 -22.86
CA GLY G 22 1.92 27.39 -22.08
C GLY G 22 1.85 27.05 -20.62
N LEU G 23 2.68 26.12 -20.15
CA LEU G 23 2.66 25.68 -18.76
C LEU G 23 3.53 26.59 -17.90
N GLN G 24 3.45 26.38 -16.59
CA GLN G 24 4.32 27.03 -15.61
C GLN G 24 5.40 26.11 -15.09
N PHE G 25 5.08 24.83 -14.90
CA PHE G 25 6.05 23.87 -14.42
C PHE G 25 7.13 23.62 -15.46
N PRO G 26 8.32 23.20 -15.05
CA PRO G 26 9.45 23.12 -15.99
C PRO G 26 9.37 21.84 -16.82
N VAL G 27 9.30 22.00 -18.14
CA VAL G 27 9.35 20.85 -19.03
C VAL G 27 10.74 20.24 -19.04
N GLY G 28 11.78 21.08 -19.10
CA GLY G 28 13.14 20.57 -19.18
C GLY G 28 13.58 19.83 -17.94
N ARG G 29 13.24 20.36 -16.76
CA ARG G 29 13.60 19.69 -15.51
C ARG G 29 12.89 18.35 -15.38
N VAL G 30 11.61 18.30 -15.75
CA VAL G 30 10.89 17.03 -15.71
C VAL G 30 11.48 16.05 -16.70
N HIS G 31 11.89 16.54 -17.88
CA HIS G 31 12.54 15.66 -18.86
C HIS G 31 13.81 15.07 -18.30
N ARG G 32 14.64 15.91 -17.67
CA ARG G 32 15.89 15.41 -17.09
C ARG G 32 15.62 14.40 -15.98
N LEU G 33 14.63 14.69 -15.12
CA LEU G 33 14.33 13.76 -14.04
C LEU G 33 13.80 12.44 -14.57
N LEU G 34 13.01 12.48 -15.64
CA LEU G 34 12.55 11.24 -16.26
C LEU G 34 13.72 10.45 -16.85
N ARG G 35 14.64 11.14 -17.52
CA ARG G 35 15.76 10.44 -18.16
C ARG G 35 16.73 9.90 -17.13
N LYS G 36 17.10 10.72 -16.14
CA LYS G 36 18.09 10.32 -15.14
C LYS G 36 17.49 9.52 -14.01
N GLY G 37 16.17 9.35 -13.97
CA GLY G 37 15.53 8.60 -12.92
C GLY G 37 15.51 7.10 -13.13
N ASN G 38 16.07 6.62 -14.23
CA ASN G 38 16.11 5.19 -14.55
C ASN G 38 14.70 4.60 -14.60
N TYR G 39 13.85 5.21 -15.43
CA TYR G 39 12.51 4.70 -15.63
C TYR G 39 12.38 3.90 -16.92
N ALA G 40 13.09 4.30 -17.97
CA ALA G 40 13.08 3.58 -19.24
C ALA G 40 14.36 3.91 -19.97
N GLU G 41 14.66 3.11 -21.00
CA GLU G 41 15.88 3.32 -21.76
C GLU G 41 15.88 4.68 -22.46
N ARG G 42 14.72 5.09 -22.99
CA ARG G 42 14.58 6.37 -23.65
C ARG G 42 13.23 6.97 -23.28
N VAL G 43 13.14 8.30 -23.38
CA VAL G 43 11.95 9.05 -23.00
C VAL G 43 11.48 9.86 -24.19
N GLY G 44 10.20 9.74 -24.51
CA GLY G 44 9.65 10.47 -25.64
C GLY G 44 9.64 11.97 -25.40
N ALA G 45 9.59 12.72 -26.50
CA ALA G 45 9.63 14.18 -26.39
C ALA G 45 8.38 14.74 -25.75
N GLY G 46 7.23 14.08 -25.93
CA GLY G 46 5.99 14.55 -25.35
C GLY G 46 5.72 14.13 -23.93
N ALA G 47 6.53 13.22 -23.39
CA ALA G 47 6.33 12.78 -22.01
C ALA G 47 6.54 13.88 -20.98
N PRO G 48 7.64 14.64 -21.01
CA PRO G 48 7.79 15.71 -20.00
C PRO G 48 6.69 16.74 -20.05
N VAL G 49 6.19 17.08 -21.25
CA VAL G 49 5.14 18.08 -21.35
C VAL G 49 3.87 17.59 -20.66
N TYR G 50 3.48 16.34 -20.92
CA TYR G 50 2.29 15.79 -20.30
C TYR G 50 2.44 15.70 -18.79
N LEU G 51 3.61 15.23 -18.33
CA LEU G 51 3.82 15.10 -16.89
C LEU G 51 3.78 16.47 -16.21
N ALA G 52 4.44 17.47 -16.82
CA ALA G 52 4.42 18.82 -16.26
C ALA G 52 3.02 19.38 -16.22
N ALA G 53 2.22 19.14 -17.27
CA ALA G 53 0.85 19.62 -17.28
C ALA G 53 0.03 19.00 -16.17
N VAL G 54 0.18 17.68 -15.96
CA VAL G 54 -0.56 17.01 -14.89
C VAL G 54 -0.15 17.56 -13.54
N LEU G 55 1.16 17.72 -13.31
CA LEU G 55 1.62 18.25 -12.03
C LEU G 55 1.09 19.67 -11.80
N GLU G 56 1.13 20.50 -12.84
CA GLU G 56 0.63 21.87 -12.73
C GLU G 56 -0.84 21.88 -12.39
N TYR G 57 -1.63 21.02 -13.03
CA TYR G 57 -3.07 20.96 -12.75
C TYR G 57 -3.32 20.56 -11.29
N LEU G 58 -2.62 19.52 -10.83
CA LEU G 58 -2.85 19.05 -9.46
C LEU G 58 -2.45 20.11 -8.44
N THR G 59 -1.31 20.76 -8.64
CA THR G 59 -0.89 21.82 -7.72
C THR G 59 -1.88 22.98 -7.75
N ALA G 60 -2.38 23.34 -8.93
CA ALA G 60 -3.37 24.41 -9.01
C ALA G 60 -4.62 24.06 -8.24
N GLU G 61 -5.09 22.82 -8.39
CA GLU G 61 -6.29 22.39 -7.67
C GLU G 61 -6.08 22.49 -6.16
N ILE G 62 -4.99 21.91 -5.66
CA ILE G 62 -4.79 21.88 -4.21
C ILE G 62 -4.56 23.28 -3.67
N LEU G 63 -3.81 24.12 -4.39
CA LEU G 63 -3.56 25.47 -3.92
C LEU G 63 -4.83 26.32 -3.96
N GLU G 64 -5.71 26.09 -4.94
CA GLU G 64 -6.97 26.82 -4.95
C GLU G 64 -7.83 26.46 -3.74
N LEU G 65 -7.95 25.16 -3.46
CA LEU G 65 -8.73 24.75 -2.30
C LEU G 65 -8.10 25.28 -1.00
N ALA G 66 -6.78 25.23 -0.91
CA ALA G 66 -6.10 25.72 0.30
C ALA G 66 -6.26 27.22 0.45
N GLY G 67 -6.23 27.97 -0.64
CA GLY G 67 -6.46 29.40 -0.56
C GLY G 67 -7.88 29.72 -0.10
N ASN G 68 -8.85 28.95 -0.59
CA ASN G 68 -10.21 29.12 -0.09
C ASN G 68 -10.30 28.86 1.41
N ALA G 69 -9.66 27.78 1.86
CA ALA G 69 -9.68 27.44 3.29
C ALA G 69 -8.99 28.52 4.12
N ALA G 70 -7.88 29.07 3.62
CA ALA G 70 -7.19 30.13 4.34
C ALA G 70 -8.04 31.39 4.41
N ARG G 71 -8.74 31.72 3.32
CA ARG G 71 -9.64 32.87 3.36
C ARG G 71 -10.78 32.65 4.34
N ASP G 72 -11.21 31.40 4.51
CA ASP G 72 -12.22 31.11 5.51
C ASP G 72 -11.72 31.40 6.92
N ASN G 73 -10.40 31.33 7.13
CA ASN G 73 -9.80 31.62 8.43
C ASN G 73 -9.32 33.06 8.57
N LYS G 74 -9.63 33.92 7.59
CA LYS G 74 -9.19 35.31 7.58
C LYS G 74 -7.67 35.43 7.64
N LYS G 75 -6.98 34.49 7.00
CA LYS G 75 -5.53 34.51 6.88
C LYS G 75 -5.16 34.62 5.41
N THR G 76 -4.11 35.39 5.11
CA THR G 76 -3.66 35.59 3.74
C THR G 76 -2.44 34.75 3.39
N ARG G 77 -2.11 33.76 4.22
CA ARG G 77 -1.01 32.85 3.94
C ARG G 77 -1.48 31.42 4.19
N ILE G 78 -1.10 30.52 3.28
CA ILE G 78 -1.47 29.12 3.41
C ILE G 78 -0.47 28.43 4.33
N ILE G 79 -0.99 27.72 5.33
CA ILE G 79 -0.17 26.96 6.27
C ILE G 79 -0.60 25.50 6.19
N PRO G 80 0.25 24.57 6.63
CA PRO G 80 -0.09 23.14 6.50
C PRO G 80 -1.46 22.77 7.04
N ARG G 81 -1.98 23.51 8.02
CA ARG G 81 -3.34 23.25 8.49
C ARG G 81 -4.35 23.49 7.37
N HIS G 82 -4.17 24.55 6.60
CA HIS G 82 -5.08 24.82 5.48
C HIS G 82 -4.96 23.76 4.40
N LEU G 83 -3.74 23.29 4.12
CA LEU G 83 -3.58 22.20 3.17
C LEU G 83 -4.28 20.94 3.66
N GLN G 84 -4.18 20.66 4.96
CA GLN G 84 -4.82 19.46 5.51
C GLN G 84 -6.34 19.58 5.38
N LEU G 85 -6.89 20.75 5.71
CA LEU G 85 -8.33 20.96 5.59
C LEU G 85 -8.79 20.80 4.14
N ALA G 86 -8.06 21.42 3.21
CA ALA G 86 -8.43 21.34 1.81
C ALA G 86 -8.37 19.91 1.29
N ILE G 87 -7.33 19.17 1.67
CA ILE G 87 -7.16 17.82 1.16
C ILE G 87 -8.21 16.88 1.74
N ARG G 88 -8.46 16.95 3.05
CA ARG G 88 -9.43 16.04 3.63
C ARG G 88 -10.87 16.39 3.28
N ASN G 89 -11.20 17.67 3.12
CA ASN G 89 -12.58 18.02 2.77
C ASN G 89 -12.96 17.54 1.38
N ASP G 90 -12.00 17.17 0.54
CA ASP G 90 -12.27 16.74 -0.83
C ASP G 90 -12.21 15.22 -0.89
N GLU G 91 -13.28 14.61 -1.40
CA GLU G 91 -13.36 13.14 -1.44
C GLU G 91 -12.30 12.55 -2.36
N GLU G 92 -12.17 13.09 -3.58
CA GLU G 92 -11.23 12.53 -4.54
C GLU G 92 -9.79 12.83 -4.14
N LEU G 93 -9.51 14.05 -3.67
CA LEU G 93 -8.17 14.36 -3.19
C LEU G 93 -7.80 13.51 -1.98
N ASN G 94 -8.74 13.31 -1.06
CA ASN G 94 -8.47 12.44 0.07
C ASN G 94 -8.21 11.02 -0.38
N LYS G 95 -8.95 10.54 -1.37
CA LYS G 95 -8.69 9.20 -1.91
C LYS G 95 -7.30 9.12 -2.50
N LEU G 96 -6.86 10.19 -3.18
CA LEU G 96 -5.52 10.20 -3.74
C LEU G 96 -4.45 10.16 -2.66
N LEU G 97 -4.61 10.95 -1.61
CA LEU G 97 -3.63 11.06 -0.52
C LEU G 97 -4.09 10.35 0.74
N GLY G 98 -4.73 9.20 0.60
CA GLY G 98 -5.26 8.51 1.78
C GLY G 98 -4.18 8.10 2.76
N LYS G 99 -3.04 7.65 2.26
CA LYS G 99 -1.95 7.16 3.10
C LYS G 99 -0.91 8.23 3.41
N VAL G 100 -1.10 9.45 2.96
CA VAL G 100 -0.11 10.50 3.15
C VAL G 100 -0.39 11.26 4.43
N THR G 101 0.64 11.46 5.24
CA THR G 101 0.55 12.23 6.48
C THR G 101 1.20 13.58 6.25
N ILE G 102 0.48 14.64 6.61
CA ILE G 102 0.96 16.01 6.46
C ILE G 102 1.30 16.54 7.84
N ALA G 103 2.58 16.87 8.04
CA ALA G 103 3.03 17.39 9.33
C ALA G 103 2.38 18.74 9.61
N GLN G 104 2.13 19.00 10.90
CA GLN G 104 1.48 20.23 11.34
C GLN G 104 0.12 20.42 10.70
N GLY G 105 -0.60 19.32 10.46
CA GLY G 105 -1.86 19.39 9.76
C GLY G 105 -3.08 19.25 10.65
N GLY G 106 -2.92 18.65 11.82
CA GLY G 106 -4.08 18.41 12.65
C GLY G 106 -4.99 17.35 12.04
N VAL G 107 -6.26 17.41 12.43
CA VAL G 107 -7.27 16.48 11.94
C VAL G 107 -8.52 17.27 11.56
N LEU G 108 -9.38 16.63 10.78
CA LEU G 108 -10.69 17.20 10.50
C LEU G 108 -11.58 17.12 11.74
N PRO G 109 -12.15 18.23 12.18
CA PRO G 109 -13.04 18.17 13.35
C PRO G 109 -14.28 17.34 13.07
N ASN G 110 -14.39 16.18 13.73
CA ASN G 110 -15.54 15.31 13.57
C ASN G 110 -15.80 14.61 14.89
N ILE G 111 -17.02 14.76 15.39
CA ILE G 111 -17.46 14.10 16.61
C ILE G 111 -18.62 13.18 16.24
N GLN G 112 -18.52 11.91 16.62
CA GLN G 112 -19.57 10.97 16.31
C GLN G 112 -20.89 11.43 16.93
N ALA G 113 -21.97 11.33 16.14
CA ALA G 113 -23.24 11.88 16.59
C ALA G 113 -23.75 11.19 17.85
N VAL G 114 -23.27 9.97 18.13
CA VAL G 114 -23.69 9.28 19.34
C VAL G 114 -23.14 9.98 20.57
N LEU G 115 -21.92 10.51 20.48
CA LEU G 115 -21.26 11.10 21.64
C LEU G 115 -21.92 12.41 22.06
N LEU G 116 -22.54 13.12 21.13
CA LEU G 116 -23.10 14.42 21.45
C LEU G 116 -24.28 14.28 22.42
N PRO G 117 -24.46 15.24 23.33
CA PRO G 117 -25.53 15.14 24.31
C PRO G 117 -26.90 15.29 23.68
N LYS G 118 -27.89 14.68 24.33
CA LYS G 118 -29.27 14.77 23.87
C LYS G 118 -30.23 14.87 25.06
N ARG H 31 30.14 25.37 -4.43
CA ARG H 31 28.89 25.38 -3.68
C ARG H 31 27.85 24.44 -4.31
N SER H 32 27.14 23.71 -3.46
CA SER H 32 26.10 22.80 -3.94
C SER H 32 24.80 23.56 -4.19
N ARG H 33 23.95 22.96 -5.00
CA ARG H 33 22.65 23.52 -5.33
C ARG H 33 21.56 22.50 -5.06
N LYS H 34 20.50 22.94 -4.39
CA LYS H 34 19.36 22.09 -4.06
C LYS H 34 18.17 22.55 -4.89
N GLU H 35 17.61 21.64 -5.68
CA GLU H 35 16.49 21.96 -6.56
C GLU H 35 15.18 21.83 -5.81
N SER H 36 14.20 22.63 -6.21
CA SER H 36 12.88 22.57 -5.62
C SER H 36 11.88 23.17 -6.60
N TYR H 37 10.61 22.85 -6.39
CA TYR H 37 9.51 23.38 -7.19
C TYR H 37 8.89 24.63 -6.59
N SER H 38 9.64 25.36 -5.75
CA SER H 38 9.06 26.50 -5.06
C SER H 38 8.67 27.61 -6.04
N VAL H 39 9.51 27.89 -7.02
CA VAL H 39 9.22 28.95 -7.97
C VAL H 39 7.93 28.66 -8.73
N TYR H 40 7.81 27.44 -9.25
CA TYR H 40 6.66 27.08 -10.04
C TYR H 40 5.39 26.99 -9.20
N VAL H 41 5.51 26.45 -7.98
CA VAL H 41 4.35 26.37 -7.10
C VAL H 41 3.85 27.78 -6.76
N TYR H 42 4.78 28.70 -6.52
CA TYR H 42 4.37 30.07 -6.20
C TYR H 42 3.78 30.77 -7.40
N LYS H 43 4.29 30.50 -8.61
CA LYS H 43 3.70 31.08 -9.80
C LYS H 43 2.27 30.57 -10.01
N VAL H 44 2.06 29.27 -9.80
CA VAL H 44 0.71 28.72 -9.90
C VAL H 44 -0.20 29.34 -8.85
N LEU H 45 0.30 29.48 -7.62
CA LEU H 45 -0.50 30.09 -6.57
C LEU H 45 -0.89 31.51 -6.91
N LYS H 46 0.05 32.30 -7.41
CA LYS H 46 -0.22 33.68 -7.78
C LYS H 46 -1.08 33.81 -9.02
N GLN H 47 -1.18 32.75 -9.84
CA GLN H 47 -2.14 32.75 -10.93
C GLN H 47 -3.44 32.03 -10.61
N VAL H 48 -3.61 31.51 -9.40
CA VAL H 48 -4.90 30.98 -8.97
C VAL H 48 -5.44 31.71 -7.75
N HIS H 49 -4.59 32.34 -6.95
CA HIS H 49 -5.03 33.17 -5.81
C HIS H 49 -4.11 34.37 -5.72
N PRO H 50 -4.35 35.39 -6.55
CA PRO H 50 -3.36 36.47 -6.67
C PRO H 50 -3.13 37.27 -5.39
N ASP H 51 -4.01 37.17 -4.40
CA ASP H 51 -3.86 37.93 -3.17
C ASP H 51 -3.59 37.04 -1.96
N THR H 52 -2.98 35.88 -2.17
CA THR H 52 -2.69 34.93 -1.10
C THR H 52 -1.24 34.48 -1.20
N GLY H 53 -0.60 34.34 -0.03
CA GLY H 53 0.75 33.85 0.07
C GLY H 53 0.81 32.38 0.45
N ILE H 54 1.98 31.98 0.96
CA ILE H 54 2.18 30.59 1.39
C ILE H 54 3.37 30.57 2.33
N SER H 55 3.31 29.69 3.34
CA SER H 55 4.38 29.55 4.31
C SER H 55 5.45 28.60 3.79
N SER H 56 6.67 28.78 4.28
CA SER H 56 7.77 27.90 3.88
C SER H 56 7.51 26.46 4.31
N LYS H 57 6.95 26.28 5.51
CA LYS H 57 6.59 24.93 5.96
C LYS H 57 5.46 24.34 5.14
N ALA H 58 4.71 25.16 4.41
CA ALA H 58 3.74 24.66 3.44
C ALA H 58 4.34 24.52 2.05
N MET H 59 5.32 25.36 1.71
CA MET H 59 6.06 25.16 0.47
C MET H 59 6.76 23.81 0.46
N GLY H 60 7.32 23.41 1.60
CA GLY H 60 7.95 22.10 1.69
C GLY H 60 6.96 20.97 1.48
N ILE H 61 5.75 21.11 2.01
CA ILE H 61 4.74 20.08 1.83
C ILE H 61 4.30 20.01 0.38
N MET H 62 4.16 21.17 -0.28
CA MET H 62 3.83 21.16 -1.70
C MET H 62 4.94 20.52 -2.53
N ASN H 63 6.20 20.80 -2.18
CA ASN H 63 7.32 20.15 -2.85
C ASN H 63 7.26 18.65 -2.70
N SER H 64 7.00 18.18 -1.47
CA SER H 64 6.92 16.75 -1.23
C SER H 64 5.79 16.12 -2.01
N PHE H 65 4.64 16.79 -2.08
CA PHE H 65 3.52 16.27 -2.85
C PHE H 65 3.86 16.19 -4.34
N VAL H 66 4.52 17.22 -4.86
CA VAL H 66 4.89 17.20 -6.28
C VAL H 66 5.83 16.05 -6.57
N ASN H 67 6.84 15.86 -5.70
CA ASN H 67 7.77 14.76 -5.90
C ASN H 67 7.08 13.41 -5.80
N ASP H 68 6.15 13.27 -4.85
CA ASP H 68 5.45 12.01 -4.68
C ASP H 68 4.60 11.67 -5.91
N ILE H 69 3.87 12.65 -6.43
CA ILE H 69 3.04 12.39 -7.59
C ILE H 69 3.89 12.14 -8.83
N PHE H 70 4.99 12.88 -8.98
CA PHE H 70 5.94 12.62 -10.05
C PHE H 70 6.43 11.17 -9.99
N GLU H 71 6.84 10.72 -8.80
CA GLU H 71 7.36 9.37 -8.67
C GLU H 71 6.29 8.33 -8.98
N ARG H 72 5.06 8.55 -8.49
CA ARG H 72 3.98 7.61 -8.77
C ARG H 72 3.74 7.48 -10.26
N ILE H 73 3.57 8.61 -10.95
CA ILE H 73 3.25 8.58 -12.37
C ILE H 73 4.41 7.98 -13.17
N ALA H 74 5.64 8.37 -12.86
CA ALA H 74 6.79 7.86 -13.60
C ALA H 74 6.97 6.37 -13.38
N GLY H 75 6.76 5.90 -12.15
CA GLY H 75 6.86 4.47 -11.89
C GLY H 75 5.80 3.68 -12.62
N GLU H 76 4.56 4.18 -12.63
CA GLU H 76 3.51 3.49 -13.37
C GLU H 76 3.81 3.48 -14.86
N ALA H 77 4.35 4.59 -15.39
CA ALA H 77 4.71 4.63 -16.80
C ALA H 77 5.82 3.63 -17.12
N SER H 78 6.81 3.53 -16.23
CA SER H 78 7.89 2.57 -16.43
C SER H 78 7.36 1.15 -16.43
N ARG H 79 6.46 0.83 -15.51
CA ARG H 79 5.88 -0.52 -15.48
C ARG H 79 5.02 -0.79 -16.70
N LEU H 80 4.31 0.24 -17.21
CA LEU H 80 3.53 0.07 -18.43
C LEU H 80 4.43 -0.19 -19.62
N ALA H 81 5.56 0.51 -19.70
CA ALA H 81 6.51 0.26 -20.79
C ALA H 81 7.10 -1.14 -20.69
N HIS H 82 7.43 -1.59 -19.48
CA HIS H 82 7.98 -2.93 -19.31
C HIS H 82 6.96 -4.01 -19.65
N TYR H 83 5.70 -3.79 -19.28
CA TYR H 83 4.67 -4.80 -19.53
C TYR H 83 4.50 -5.08 -21.01
N ASN H 84 4.51 -4.04 -21.83
CA ASN H 84 4.30 -4.16 -23.27
C ASN H 84 5.59 -4.36 -24.04
N LYS H 85 6.72 -4.51 -23.36
CA LYS H 85 8.03 -4.72 -23.96
C LYS H 85 8.49 -3.53 -24.80
N ARG H 86 7.89 -2.36 -24.58
CA ARG H 86 8.42 -1.13 -25.14
C ARG H 86 9.63 -0.67 -24.35
N SER H 87 10.40 0.25 -24.92
CA SER H 87 11.55 0.82 -24.24
C SER H 87 11.52 2.34 -24.22
N THR H 88 10.38 2.96 -24.51
CA THR H 88 10.25 4.40 -24.53
C THR H 88 9.04 4.82 -23.71
N ILE H 89 9.19 5.88 -22.94
CA ILE H 89 8.09 6.48 -22.18
C ILE H 89 7.56 7.64 -23.01
N THR H 90 6.33 7.52 -23.48
CA THR H 90 5.68 8.54 -24.29
C THR H 90 4.45 9.07 -23.55
N SER H 91 3.71 9.93 -24.23
CA SER H 91 2.50 10.50 -23.62
C SER H 91 1.45 9.42 -23.36
N ARG H 92 1.40 8.39 -24.19
CA ARG H 92 0.43 7.32 -23.99
C ARG H 92 0.65 6.61 -22.66
N GLU H 93 1.92 6.32 -22.34
CA GLU H 93 2.22 5.69 -21.05
C GLU H 93 1.79 6.57 -19.89
N ILE H 94 2.10 7.87 -19.97
CA ILE H 94 1.71 8.79 -18.92
C ILE H 94 0.20 8.98 -18.90
N GLN H 95 -0.44 8.96 -20.07
CA GLN H 95 -1.90 9.00 -20.11
C GLN H 95 -2.51 7.86 -19.32
N THR H 96 -2.04 6.63 -19.59
CA THR H 96 -2.60 5.48 -18.89
C THR H 96 -2.24 5.51 -17.41
N ALA H 97 -1.05 5.99 -17.06
CA ALA H 97 -0.69 6.11 -15.66
C ALA H 97 -1.60 7.09 -14.94
N VAL H 98 -1.91 8.22 -15.59
CA VAL H 98 -2.82 9.20 -15.00
C VAL H 98 -4.21 8.60 -14.83
N ARG H 99 -4.69 7.87 -15.85
CA ARG H 99 -5.99 7.23 -15.71
C ARG H 99 -6.00 6.20 -14.60
N LEU H 100 -4.88 5.52 -14.38
CA LEU H 100 -4.81 4.50 -13.33
C LEU H 100 -4.75 5.10 -11.94
N LEU H 101 -4.01 6.19 -11.77
CA LEU H 101 -3.72 6.72 -10.44
C LEU H 101 -4.79 7.70 -9.95
N LEU H 102 -5.01 8.78 -10.68
CA LEU H 102 -5.93 9.81 -10.22
C LEU H 102 -7.37 9.30 -10.25
N PRO H 103 -8.16 9.54 -9.21
CA PRO H 103 -9.52 9.01 -9.19
C PRO H 103 -10.52 9.95 -9.85
N GLY H 104 -11.39 9.35 -10.67
CA GLY H 104 -12.56 10.03 -11.20
C GLY H 104 -12.32 11.31 -11.96
N GLU H 105 -13.08 12.35 -11.61
CA GLU H 105 -13.00 13.62 -12.32
C GLU H 105 -11.62 14.25 -12.24
N LEU H 106 -10.85 13.92 -11.20
CA LEU H 106 -9.46 14.39 -11.14
C LEU H 106 -8.68 13.88 -12.35
N ALA H 107 -8.78 12.58 -12.63
CA ALA H 107 -8.15 12.03 -13.82
C ALA H 107 -8.79 12.58 -15.09
N LYS H 108 -10.12 12.71 -15.10
CA LYS H 108 -10.80 13.19 -16.29
C LYS H 108 -10.32 14.57 -16.69
N HIS H 109 -9.98 15.41 -15.71
CA HIS H 109 -9.50 16.76 -16.01
C HIS H 109 -7.99 16.80 -16.25
N ALA H 110 -7.23 15.96 -15.54
CA ALA H 110 -5.79 15.93 -15.76
C ALA H 110 -5.47 15.46 -17.18
N VAL H 111 -6.24 14.48 -17.68
CA VAL H 111 -6.04 14.00 -19.04
C VAL H 111 -6.25 15.13 -20.04
N SER H 112 -7.32 15.90 -19.85
CA SER H 112 -7.60 17.01 -20.76
C SER H 112 -6.49 18.06 -20.71
N GLU H 113 -6.03 18.39 -19.50
CA GLU H 113 -4.98 19.39 -19.37
C GLU H 113 -3.70 18.92 -20.06
N GLY H 114 -3.32 17.66 -19.84
CA GLY H 114 -2.13 17.15 -20.46
C GLY H 114 -2.21 17.11 -21.98
N THR H 115 -3.35 16.65 -22.50
CA THR H 115 -3.51 16.56 -23.95
C THR H 115 -3.49 17.95 -24.57
N LYS H 116 -4.15 18.93 -23.94
CA LYS H 116 -4.12 20.29 -24.46
C LYS H 116 -2.70 20.85 -24.46
N ALA H 117 -1.96 20.61 -23.37
CA ALA H 117 -0.59 21.11 -23.32
C ALA H 117 0.29 20.48 -24.40
N VAL H 118 0.16 19.17 -24.60
CA VAL H 118 0.95 18.50 -25.62
C VAL H 118 0.60 19.00 -27.01
N THR H 119 -0.70 19.20 -27.27
CA THR H 119 -1.12 19.71 -28.57
C THR H 119 -0.56 21.10 -28.82
N LYS H 120 -0.61 21.98 -27.80
CA LYS H 120 -0.05 23.31 -27.97
C LYS H 120 1.45 23.25 -28.21
N TYR H 121 2.15 22.35 -27.50
CA TYR H 121 3.59 22.22 -27.69
C TYR H 121 3.92 21.78 -29.11
N THR H 122 3.17 20.79 -29.62
CA THR H 122 3.42 20.33 -30.99
C THR H 122 3.02 21.38 -32.01
N SER H 123 2.09 22.28 -31.67
CA SER H 123 1.65 23.30 -32.61
C SER H 123 2.76 24.27 -32.97
N SER H 124 3.73 24.48 -32.08
CA SER H 124 4.82 25.41 -32.35
C SER H 124 5.81 24.82 -33.35
N SER K 169 -17.34 30.35 -9.68
CA SER K 169 -16.82 29.25 -10.48
C SER K 169 -15.30 29.11 -10.31
N ARG K 170 -14.87 27.91 -9.98
CA ARG K 170 -13.44 27.64 -9.81
C ARG K 170 -12.72 27.73 -11.16
N GLY K 171 -11.52 28.27 -11.15
CA GLY K 171 -10.78 28.43 -12.39
C GLY K 171 -9.39 28.95 -12.13
N ARG K 172 -8.64 29.11 -13.23
CA ARG K 172 -7.25 29.51 -13.19
C ARG K 172 -7.03 30.72 -14.09
N LEU K 173 -6.16 31.62 -13.65
CA LEU K 173 -5.86 32.85 -14.41
C LEU K 173 -4.65 32.60 -15.31
N ARG K 174 -4.92 31.91 -16.42
CA ARG K 174 -3.87 31.58 -17.37
C ARG K 174 -3.43 32.82 -18.15
N GLU K 180 -10.61 29.26 -16.02
CA GLU K 180 -11.79 28.80 -16.73
C GLU K 180 -12.32 27.50 -16.11
N SER K 181 -12.53 26.50 -16.96
CA SER K 181 -12.96 25.19 -16.51
C SER K 181 -11.74 24.30 -16.27
N SER K 182 -10.55 24.91 -16.22
CA SER K 182 -9.32 24.15 -16.04
C SER K 182 -9.32 23.36 -14.73
N LEU K 183 -10.13 23.76 -13.77
CA LEU K 183 -10.31 23.01 -12.53
C LEU K 183 -11.75 22.51 -12.46
N ARG K 184 -11.94 21.36 -11.83
CA ARG K 184 -13.28 20.81 -11.74
C ARG K 184 -14.17 21.72 -10.91
N GLN K 185 -15.30 22.13 -11.49
CA GLN K 185 -16.14 23.18 -10.94
C GLN K 185 -17.13 22.66 -9.91
N ARG K 186 -16.91 21.46 -9.37
CA ARG K 186 -17.74 20.98 -8.27
C ARG K 186 -17.01 19.85 -7.55
N PRO K 187 -16.02 20.15 -6.72
CA PRO K 187 -15.31 19.09 -6.00
C PRO K 187 -16.25 18.31 -5.09
N MET K 188 -16.03 17.00 -5.02
CA MET K 188 -16.89 16.15 -4.22
C MET K 188 -16.58 16.32 -2.73
N PRO K 189 -17.61 16.34 -1.89
CA PRO K 189 -17.38 16.46 -0.45
C PRO K 189 -17.09 15.13 0.21
N ARG K 190 -16.17 15.14 1.17
CA ARG K 190 -15.82 13.93 1.91
C ARG K 190 -16.98 13.49 2.78
N LEU K 191 -17.20 12.19 2.85
CA LEU K 191 -18.12 11.61 3.82
C LEU K 191 -17.35 10.84 4.88
N THR K 192 -17.96 10.69 6.05
CA THR K 192 -17.35 10.02 7.17
C THR K 192 -18.29 8.97 7.73
N PHE K 193 -17.73 7.94 8.35
CA PHE K 193 -18.51 6.83 8.86
C PHE K 193 -19.13 7.22 10.20
N GLN K 194 -20.42 6.90 10.36
CA GLN K 194 -21.16 7.19 11.59
C GLN K 194 -21.66 5.87 12.16
N ALA K 195 -20.95 5.35 13.16
CA ALA K 195 -21.32 4.09 13.76
C ALA K 195 -22.54 4.26 14.67
N GLY K 196 -23.16 3.13 15.02
CA GLY K 196 -24.33 3.16 15.86
C GLY K 196 -25.55 3.71 15.14
N ASP K 197 -26.52 4.13 15.95
CA ASP K 197 -27.76 4.69 15.42
C ASP K 197 -27.52 6.04 14.74
#